data_6AQ4
#
_entry.id   6AQ4
#
_cell.length_a   138.541
_cell.length_b   88.365
_cell.length_c   81.252
_cell.angle_alpha   90.00
_cell.angle_beta   108.54
_cell.angle_gamma   90.00
#
_symmetry.space_group_name_H-M   'C 1 2 1'
#
loop_
_entity.id
_entity.type
_entity.pdbx_description
1 polymer 'Citrate lyase subunit beta-like protein'
2 non-polymer 'MAGNESIUM ION'
3 non-polymer Citramalyl-CoA
4 non-polymer 'PHOSPHATE ION'
5 non-polymer GLYCEROL
6 non-polymer 'CHLORIDE ION'
7 non-polymer 'PYRUVIC ACID'
8 water water
#
_entity_poly.entity_id   1
_entity_poly.type   'polypeptide(L)'
_entity_poly.pdbx_seq_one_letter_code
;MAHHHHHHMNLRAAGPGWLFCPADRPERFAKAAAAADVVILDLEDGVAEAQKPAARNALRDTPLDPERTVVRINAGGTAD
QARDLEALAGTAYTTVMLPKAESAAQVIELAPRDVIALVETARGAV(CSO)AAEIAAADPTVGMMWGAEDLIATLGGSSS
RRADGAYRDVARHVRSTILLAASAFGRLALDAVHLDILDVEGLQEEARDAAAVGFDVTVCIHPSQIPVVRKAYRPSHEKL
AWARRVLAASRSERGAFAFEGQMVDSPVLTHAETMLRRAGEATSE
;
_entity_poly.pdbx_strand_id   A,B,C
#
loop_
_chem_comp.id
_chem_comp.type
_chem_comp.name
_chem_comp.formula
CL non-polymer 'CHLORIDE ION' 'Cl -1'
CQM non-polymer Citramalyl-CoA 'C26 H42 N7 O20 P3 S'
GOL non-polymer GLYCEROL 'C3 H8 O3'
MG non-polymer 'MAGNESIUM ION' 'Mg 2'
PO4 non-polymer 'PHOSPHATE ION' 'O4 P -3'
PYR non-polymer 'PYRUVIC ACID' 'C3 H4 O3'
#
# COMPACT_ATOMS: atom_id res chain seq x y z
N ASN A 10 6.11 -28.02 -17.03
CA ASN A 10 6.43 -26.70 -16.47
C ASN A 10 5.18 -25.94 -16.01
N LEU A 11 5.22 -25.41 -14.79
CA LEU A 11 4.05 -24.75 -14.19
C LEU A 11 3.67 -23.46 -14.91
N ARG A 12 4.68 -22.66 -15.25
CA ARG A 12 4.47 -21.37 -15.91
C ARG A 12 3.73 -21.49 -17.25
N ALA A 13 3.77 -22.68 -17.84
CA ALA A 13 3.14 -22.91 -19.14
C ALA A 13 1.66 -23.26 -19.02
N ALA A 14 1.23 -23.63 -17.82
CA ALA A 14 -0.12 -24.14 -17.62
C ALA A 14 -1.15 -23.01 -17.44
N GLY A 15 -2.42 -23.35 -17.57
CA GLY A 15 -3.48 -22.38 -17.42
C GLY A 15 -3.54 -21.71 -16.06
N PRO A 16 -4.43 -20.73 -15.93
CA PRO A 16 -4.52 -19.97 -14.68
C PRO A 16 -5.36 -20.67 -13.62
N GLY A 17 -6.01 -21.77 -13.97
CA GLY A 17 -6.91 -22.43 -13.05
C GLY A 17 -6.20 -23.44 -12.16
N TRP A 18 -5.84 -23.03 -10.96
CA TRP A 18 -5.21 -23.95 -10.02
C TRP A 18 -6.16 -24.35 -8.89
N LEU A 19 -6.10 -25.60 -8.45
CA LEU A 19 -7.10 -26.11 -7.51
C LEU A 19 -6.45 -26.80 -6.30
N PHE A 20 -6.79 -26.31 -5.09
CA PHE A 20 -6.43 -26.98 -3.85
C PHE A 20 -7.21 -28.27 -3.70
N CYS A 21 -6.57 -29.31 -3.21
CA CYS A 21 -7.26 -30.53 -2.83
C CYS A 21 -6.54 -31.13 -1.62
N PRO A 22 -7.24 -31.25 -0.48
CA PRO A 22 -6.61 -31.85 0.70
C PRO A 22 -6.07 -33.24 0.36
N ALA A 23 -4.83 -33.52 0.77
CA ALA A 23 -4.18 -34.78 0.39
C ALA A 23 -4.67 -35.97 1.20
N ASP A 24 -5.61 -35.76 2.11
CA ASP A 24 -6.19 -36.90 2.83
C ASP A 24 -7.42 -37.43 2.10
N ARG A 25 -7.65 -36.89 0.91
CA ARG A 25 -8.78 -37.29 0.08
C ARG A 25 -8.33 -37.85 -1.28
N PRO A 26 -7.49 -38.90 -1.27
CA PRO A 26 -6.93 -39.41 -2.53
C PRO A 26 -7.99 -39.74 -3.59
N GLU A 27 -9.15 -40.23 -3.16
CA GLU A 27 -10.21 -40.55 -4.11
C GLU A 27 -10.64 -39.34 -4.96
N ARG A 28 -10.22 -38.13 -4.54
CA ARG A 28 -10.54 -36.90 -5.27
C ARG A 28 -9.44 -36.41 -6.21
N PHE A 29 -8.24 -36.97 -6.07
CA PHE A 29 -7.07 -36.51 -6.84
C PHE A 29 -7.33 -36.50 -8.35
N ALA A 30 -7.86 -37.59 -8.85
CA ALA A 30 -8.05 -37.75 -10.30
C ALA A 30 -9.01 -36.70 -10.84
N LYS A 31 -10.07 -36.42 -10.10
CA LYS A 31 -11.06 -35.44 -10.51
C LYS A 31 -10.47 -34.03 -10.47
N ALA A 32 -9.67 -33.75 -9.44
CA ALA A 32 -9.03 -32.45 -9.36
C ALA A 32 -8.09 -32.22 -10.54
N ALA A 33 -7.31 -33.25 -10.88
CA ALA A 33 -6.35 -33.15 -11.97
C ALA A 33 -7.02 -32.95 -13.33
N ALA A 34 -8.15 -33.63 -13.52
CA ALA A 34 -8.93 -33.50 -14.74
C ALA A 34 -9.62 -32.14 -14.83
N ALA A 35 -10.10 -31.64 -13.70
CA ALA A 35 -10.80 -30.35 -13.67
C ALA A 35 -9.89 -29.13 -13.80
N ALA A 36 -8.67 -29.23 -13.27
CA ALA A 36 -7.82 -28.04 -13.12
C ALA A 36 -6.54 -28.07 -13.96
N ASP A 37 -5.95 -26.91 -14.17
CA ASP A 37 -4.68 -26.79 -14.88
C ASP A 37 -3.56 -27.36 -14.01
N VAL A 38 -3.52 -26.89 -12.78
CA VAL A 38 -2.55 -27.37 -11.80
C VAL A 38 -3.30 -27.72 -10.53
N VAL A 39 -2.90 -28.83 -9.91
CA VAL A 39 -3.47 -29.23 -8.63
C VAL A 39 -2.48 -28.97 -7.50
N ILE A 40 -2.99 -28.37 -6.43
CA ILE A 40 -2.20 -28.17 -5.22
C ILE A 40 -2.67 -29.16 -4.15
N LEU A 41 -1.92 -30.24 -4.01
CA LEU A 41 -2.25 -31.25 -3.02
C LEU A 41 -1.83 -30.71 -1.66
N ASP A 42 -2.77 -30.62 -0.73
CA ASP A 42 -2.53 -29.90 0.52
C ASP A 42 -2.22 -30.80 1.70
N LEU A 43 -1.10 -30.51 2.37
CA LEU A 43 -0.70 -31.21 3.58
C LEU A 43 -0.91 -30.30 4.79
N GLU A 44 -1.18 -29.03 4.54
CA GLU A 44 -1.31 -28.06 5.62
C GLU A 44 -2.77 -27.88 6.12
N ASP A 45 -3.29 -26.65 6.06
CA ASP A 45 -4.56 -26.31 6.73
C ASP A 45 -5.84 -26.99 6.23
N GLY A 46 -5.82 -27.56 5.03
CA GLY A 46 -6.96 -28.30 4.52
C GLY A 46 -7.09 -29.66 5.18
N VAL A 47 -6.07 -30.05 5.95
CA VAL A 47 -6.04 -31.39 6.53
C VAL A 47 -5.86 -31.33 8.05
N ALA A 48 -6.78 -31.91 8.81
CA ALA A 48 -6.64 -31.94 10.27
C ALA A 48 -5.31 -32.59 10.66
N GLU A 49 -4.73 -32.15 11.77
CA GLU A 49 -3.45 -32.67 12.24
C GLU A 49 -3.45 -34.20 12.32
N ALA A 50 -4.50 -34.76 12.92
CA ALA A 50 -4.57 -36.21 13.10
C ALA A 50 -4.71 -36.93 11.77
N GLN A 51 -5.02 -36.18 10.72
CA GLN A 51 -5.20 -36.75 9.39
C GLN A 51 -3.98 -36.54 8.48
N LYS A 52 -3.03 -35.74 8.94
CA LYS A 52 -1.84 -35.48 8.13
C LYS A 52 -1.04 -36.74 7.75
N PRO A 53 -0.81 -37.66 8.70
CA PRO A 53 -0.06 -38.87 8.33
C PRO A 53 -0.73 -39.64 7.20
N ALA A 54 -2.05 -39.85 7.30
CA ALA A 54 -2.82 -40.45 6.21
C ALA A 54 -2.66 -39.67 4.90
N ALA A 55 -2.67 -38.34 5.00
CA ALA A 55 -2.49 -37.50 3.82
C ALA A 55 -1.14 -37.76 3.14
N ARG A 56 -0.09 -37.95 3.95
CA ARG A 56 1.24 -38.21 3.42
C ARG A 56 1.30 -39.56 2.72
N ASN A 57 0.62 -40.55 3.28
CA ASN A 57 0.52 -41.85 2.64
C ASN A 57 -0.18 -41.74 1.28
N ALA A 58 -1.27 -40.97 1.24
CA ALA A 58 -2.02 -40.79 0.00
C ALA A 58 -1.16 -40.12 -1.05
N LEU A 59 -0.31 -39.20 -0.60
CA LEU A 59 0.56 -38.45 -1.48
C LEU A 59 1.51 -39.42 -2.17
N ARG A 60 2.01 -40.37 -1.39
CA ARG A 60 2.91 -41.39 -1.89
C ARG A 60 2.19 -42.43 -2.76
N ASP A 61 0.96 -42.78 -2.38
CA ASP A 61 0.27 -43.92 -3.00
C ASP A 61 -0.61 -43.56 -4.18
N THR A 62 -0.96 -42.28 -4.31
CA THR A 62 -1.80 -41.85 -5.43
C THR A 62 -1.17 -40.66 -6.14
N PRO A 63 -0.21 -40.94 -7.05
CA PRO A 63 0.51 -39.84 -7.72
C PRO A 63 -0.26 -39.14 -8.85
N LEU A 64 0.05 -37.85 -9.01
CA LEU A 64 -0.46 -37.03 -10.10
C LEU A 64 0.73 -36.56 -10.92
N ASP A 65 0.48 -36.03 -12.11
CA ASP A 65 1.55 -35.57 -12.99
C ASP A 65 2.35 -34.50 -12.27
N PRO A 66 3.63 -34.79 -11.96
CA PRO A 66 4.50 -33.85 -11.24
C PRO A 66 4.70 -32.52 -11.99
N GLU A 67 4.44 -32.51 -13.29
CA GLU A 67 4.58 -31.28 -14.06
C GLU A 67 3.37 -30.36 -13.88
N ARG A 68 2.29 -30.89 -13.31
CA ARG A 68 1.04 -30.13 -13.15
C ARG A 68 0.55 -30.21 -11.72
N THR A 69 1.46 -30.46 -10.77
CA THR A 69 1.08 -30.67 -9.39
C THR A 69 2.05 -29.96 -8.44
N VAL A 70 1.48 -29.26 -7.47
CA VAL A 70 2.26 -28.62 -6.42
C VAL A 70 1.82 -29.20 -5.08
N VAL A 71 2.75 -29.41 -4.17
CA VAL A 71 2.37 -29.88 -2.84
C VAL A 71 2.55 -28.78 -1.80
N ARG A 72 1.47 -28.40 -1.14
CA ARG A 72 1.61 -27.47 -0.02
C ARG A 72 2.02 -28.22 1.24
N ILE A 73 3.25 -27.95 1.69
CA ILE A 73 3.76 -28.54 2.91
C ILE A 73 3.39 -27.63 4.07
N ASN A 74 3.85 -28.01 5.28
CA ASN A 74 3.56 -27.22 6.47
C ASN A 74 4.64 -26.16 6.70
N ALA A 75 4.45 -25.26 7.65
CA ALA A 75 5.30 -24.07 7.75
C ALA A 75 6.71 -24.39 8.24
N GLY A 76 7.65 -23.49 7.94
CA GLY A 76 9.04 -23.67 8.35
C GLY A 76 9.16 -23.91 9.84
N GLY A 77 10.05 -24.82 10.21
CA GLY A 77 10.29 -25.14 11.60
C GLY A 77 9.29 -26.06 12.25
N THR A 78 8.17 -26.34 11.59
CA THR A 78 7.17 -27.19 12.22
C THR A 78 7.56 -28.66 12.14
N ALA A 79 7.15 -29.44 13.14
CA ALA A 79 7.41 -30.88 13.09
C ALA A 79 6.74 -31.50 11.86
N ASP A 80 5.52 -31.05 11.55
CA ASP A 80 4.82 -31.54 10.35
C ASP A 80 5.66 -31.36 9.07
N GLN A 81 6.22 -30.18 8.87
CA GLN A 81 7.01 -29.96 7.66
C GLN A 81 8.14 -30.97 7.52
N ALA A 82 8.80 -31.30 8.64
CA ALA A 82 9.86 -32.28 8.61
C ALA A 82 9.32 -33.63 8.11
N ARG A 83 8.20 -34.05 8.69
CA ARG A 83 7.54 -35.27 8.23
C ARG A 83 7.08 -35.16 6.77
N ASP A 84 6.65 -33.97 6.36
CA ASP A 84 6.23 -33.75 4.97
C ASP A 84 7.38 -34.05 4.01
N LEU A 85 8.53 -33.46 4.29
CA LEU A 85 9.68 -33.59 3.41
C LEU A 85 10.19 -35.04 3.35
N GLU A 86 10.06 -35.77 4.45
CA GLU A 86 10.42 -37.18 4.44
C GLU A 86 9.53 -37.96 3.48
N ALA A 87 8.22 -37.69 3.54
CA ALA A 87 7.25 -38.30 2.64
C ALA A 87 7.55 -37.93 1.18
N LEU A 88 7.77 -36.64 0.94
CA LEU A 88 8.08 -36.11 -0.39
C LEU A 88 9.34 -36.70 -1.06
N ALA A 89 10.36 -37.04 -0.27
CA ALA A 89 11.58 -37.63 -0.85
C ALA A 89 11.28 -38.88 -1.68
N GLY A 90 10.23 -39.60 -1.31
CA GLY A 90 9.81 -40.81 -2.03
C GLY A 90 8.75 -40.53 -3.08
N THR A 91 8.69 -39.30 -3.56
CA THR A 91 7.77 -38.90 -4.62
C THR A 91 8.53 -38.24 -5.77
N ALA A 92 7.85 -38.01 -6.88
CA ALA A 92 8.45 -37.30 -8.00
C ALA A 92 8.20 -35.79 -7.97
N TYR A 93 7.58 -35.29 -6.89
CA TYR A 93 7.19 -33.88 -6.86
C TYR A 93 8.37 -32.95 -6.63
N THR A 94 8.45 -31.91 -7.47
CA THR A 94 9.58 -30.98 -7.46
C THR A 94 9.22 -29.55 -7.15
N THR A 95 7.92 -29.26 -7.02
CA THR A 95 7.50 -27.93 -6.59
C THR A 95 6.63 -28.01 -5.35
N VAL A 96 6.99 -27.23 -4.33
CA VAL A 96 6.21 -27.15 -3.11
C VAL A 96 5.72 -25.74 -2.87
N MET A 97 4.59 -25.62 -2.17
CA MET A 97 4.10 -24.34 -1.68
C MET A 97 4.41 -24.24 -0.19
N LEU A 98 5.03 -23.14 0.22
CA LEU A 98 5.37 -22.92 1.62
C LEU A 98 4.41 -21.93 2.26
N PRO A 99 3.58 -22.40 3.23
CA PRO A 99 2.63 -21.51 3.91
C PRO A 99 3.33 -20.67 5.00
N LYS A 100 2.73 -19.55 5.39
CA LYS A 100 3.35 -18.67 6.38
C LYS A 100 4.83 -18.37 6.02
N ALA A 101 5.09 -18.18 4.73
CA ALA A 101 6.42 -17.88 4.27
C ALA A 101 6.85 -16.55 4.86
N GLU A 102 7.96 -16.54 5.60
CA GLU A 102 8.35 -15.33 6.34
C GLU A 102 9.79 -14.87 6.12
N SER A 103 10.60 -15.69 5.47
CA SER A 103 11.97 -15.25 5.20
C SER A 103 12.53 -15.97 3.99
N ALA A 104 13.52 -15.36 3.36
CA ALA A 104 14.34 -16.07 2.37
C ALA A 104 14.84 -17.40 2.91
N ALA A 105 15.28 -17.40 4.17
CA ALA A 105 15.87 -18.62 4.75
C ALA A 105 14.92 -19.82 4.70
N GLN A 106 13.64 -19.57 4.98
CA GLN A 106 12.63 -20.63 4.95
C GLN A 106 12.47 -21.24 3.57
N VAL A 107 12.63 -20.41 2.54
CA VAL A 107 12.52 -20.87 1.16
C VAL A 107 13.78 -21.64 0.77
N ILE A 108 14.92 -21.05 1.08
CA ILE A 108 16.21 -21.63 0.74
C ILE A 108 16.42 -23.03 1.31
N GLU A 109 15.88 -23.31 2.48
CA GLU A 109 16.06 -24.65 3.05
C GLU A 109 15.25 -25.73 2.34
N LEU A 110 14.36 -25.33 1.43
CA LEU A 110 13.59 -26.30 0.65
C LEU A 110 14.27 -26.68 -0.68
N ALA A 111 15.43 -26.09 -0.97
CA ALA A 111 16.19 -26.52 -2.14
C ALA A 111 16.42 -28.02 -1.98
N PRO A 112 16.49 -28.76 -3.10
CA PRO A 112 16.57 -28.25 -4.48
C PRO A 112 15.23 -28.14 -5.19
N ARG A 113 14.13 -28.22 -4.43
CA ARG A 113 12.81 -28.08 -5.02
C ARG A 113 12.54 -26.63 -5.40
N ASP A 114 11.62 -26.42 -6.33
CA ASP A 114 11.07 -25.11 -6.60
C ASP A 114 10.05 -24.77 -5.52
N VAL A 115 9.95 -23.48 -5.17
CA VAL A 115 9.05 -23.08 -4.11
C VAL A 115 8.07 -21.97 -4.51
N ILE A 116 6.80 -22.19 -4.19
CA ILE A 116 5.81 -21.12 -4.27
C ILE A 116 5.58 -20.63 -2.84
N ALA A 117 5.93 -19.37 -2.60
CA ALA A 117 5.86 -18.80 -1.27
C ALA A 117 4.48 -18.23 -1.06
N LEU A 118 3.78 -18.76 -0.05
CA LEU A 118 2.46 -18.25 0.29
C LEU A 118 2.58 -17.29 1.46
N VAL A 119 2.51 -16.00 1.15
CA VAL A 119 2.65 -14.94 2.16
C VAL A 119 1.28 -14.65 2.78
N GLU A 120 1.17 -14.78 4.08
CA GLU A 120 -0.12 -14.75 4.74
C GLU A 120 0.00 -14.39 6.21
N THR A 121 1.03 -13.59 6.51
CA THR A 121 1.28 -13.06 7.86
C THR A 121 1.90 -11.67 7.66
N ALA A 122 1.84 -10.83 8.69
CA ALA A 122 2.42 -9.49 8.56
C ALA A 122 3.94 -9.59 8.27
N ARG A 123 4.61 -10.48 8.97
CA ARG A 123 6.04 -10.66 8.78
C ARG A 123 6.36 -11.00 7.32
N GLY A 124 5.57 -11.89 6.74
CA GLY A 124 5.74 -12.27 5.35
C GLY A 124 5.56 -11.08 4.41
N ALA A 125 4.54 -10.25 4.67
CA ALA A 125 4.32 -9.07 3.83
C ALA A 125 5.49 -8.12 3.92
N VAL A 126 5.97 -7.87 5.14
CA VAL A 126 7.12 -7.00 5.36
C VAL A 126 8.38 -7.51 4.65
N CSO A 127 8.54 -8.83 4.59
CA CSO A 127 9.72 -9.44 3.99
CB CSO A 127 10.25 -10.59 4.85
SG CSO A 127 10.74 -10.01 6.51
C CSO A 127 9.47 -9.97 2.59
O CSO A 127 10.17 -10.87 2.13
OD CSO A 127 12.30 -9.18 6.43
N ALA A 128 8.48 -9.41 1.90
CA ALA A 128 8.03 -9.99 0.63
C ALA A 128 9.09 -9.99 -0.45
N ALA A 129 9.81 -8.88 -0.57
CA ALA A 129 10.83 -8.77 -1.62
C ALA A 129 11.96 -9.80 -1.42
N GLU A 130 12.40 -9.98 -0.17
N GLU A 130 12.40 -9.97 -0.18
CA GLU A 130 13.46 -10.94 0.12
CA GLU A 130 13.46 -10.94 0.12
C GLU A 130 13.01 -12.39 -0.11
C GLU A 130 12.99 -12.38 -0.14
N ILE A 131 11.73 -12.66 0.17
CA ILE A 131 11.19 -13.99 -0.05
C ILE A 131 11.11 -14.27 -1.54
N ALA A 132 10.63 -13.29 -2.30
CA ALA A 132 10.51 -13.42 -3.76
C ALA A 132 11.88 -13.61 -4.41
N ALA A 133 12.88 -12.91 -3.88
CA ALA A 133 14.22 -12.91 -4.45
C ALA A 133 14.97 -14.20 -4.18
N ALA A 134 14.52 -14.97 -3.19
CA ALA A 134 15.21 -16.22 -2.83
C ALA A 134 15.33 -17.15 -4.04
N ASP A 135 16.50 -17.79 -4.18
CA ASP A 135 16.79 -18.57 -5.37
C ASP A 135 15.74 -19.64 -5.76
N PRO A 136 15.26 -20.44 -4.78
CA PRO A 136 14.27 -21.46 -5.13
C PRO A 136 12.88 -20.92 -5.51
N THR A 137 12.61 -19.65 -5.24
CA THR A 137 11.26 -19.15 -5.43
C THR A 137 10.88 -19.09 -6.89
N VAL A 138 9.75 -19.68 -7.25
CA VAL A 138 9.24 -19.59 -8.61
C VAL A 138 7.88 -18.89 -8.66
N GLY A 139 7.30 -18.68 -7.48
CA GLY A 139 6.07 -17.91 -7.43
C GLY A 139 5.71 -17.42 -6.05
N MET A 140 4.78 -16.45 -6.01
CA MET A 140 4.30 -15.87 -4.76
C MET A 140 2.76 -15.93 -4.76
N MET A 141 2.20 -16.28 -3.61
CA MET A 141 0.76 -16.26 -3.40
C MET A 141 0.52 -15.51 -2.10
N TRP A 142 -0.68 -14.97 -1.94
CA TRP A 142 -1.07 -14.35 -0.68
C TRP A 142 -2.33 -15.02 -0.11
N GLY A 143 -2.45 -14.98 1.21
CA GLY A 143 -3.51 -15.69 1.90
C GLY A 143 -4.20 -14.73 2.85
N ALA A 144 -5.44 -14.37 2.53
CA ALA A 144 -6.14 -13.31 3.25
C ALA A 144 -6.52 -13.78 4.64
N GLU A 145 -6.79 -15.08 4.78
CA GLU A 145 -7.40 -15.56 6.00
C GLU A 145 -6.42 -15.75 7.14
N ASP A 146 -5.28 -16.41 6.89
CA ASP A 146 -4.23 -16.42 7.89
C ASP A 146 -3.67 -15.02 8.15
N LEU A 147 -3.67 -14.15 7.13
CA LEU A 147 -3.21 -12.77 7.34
C LEU A 147 -4.03 -12.10 8.45
N ILE A 148 -5.35 -12.16 8.31
CA ILE A 148 -6.26 -11.61 9.30
C ILE A 148 -6.14 -12.35 10.62
N ALA A 149 -6.06 -13.68 10.56
CA ALA A 149 -5.97 -14.47 11.78
C ALA A 149 -4.74 -14.07 12.60
N THR A 150 -3.60 -13.99 11.93
CA THR A 150 -2.33 -13.76 12.59
C THR A 150 -2.16 -12.29 13.01
N LEU A 151 -2.92 -11.39 12.38
CA LEU A 151 -2.97 -9.98 12.84
C LEU A 151 -3.80 -9.84 14.10
N GLY A 152 -4.54 -10.89 14.44
CA GLY A 152 -5.46 -10.83 15.56
C GLY A 152 -6.83 -10.27 15.14
N GLY A 153 -7.08 -10.21 13.84
CA GLY A 153 -8.36 -9.72 13.32
C GLY A 153 -9.42 -10.81 13.27
N SER A 154 -10.58 -10.50 12.67
CA SER A 154 -11.70 -11.43 12.69
C SER A 154 -12.48 -11.51 11.38
N SER A 155 -12.13 -10.69 10.40
CA SER A 155 -12.75 -10.84 9.09
C SER A 155 -11.92 -10.19 8.00
N SER A 156 -11.75 -10.92 6.90
CA SER A 156 -10.93 -10.42 5.80
C SER A 156 -11.71 -9.49 4.88
N ARG A 157 -13.04 -9.54 4.99
CA ARG A 157 -13.90 -8.77 4.10
C ARG A 157 -14.86 -7.87 4.85
N ARG A 158 -15.10 -6.68 4.32
CA ARG A 158 -16.08 -5.78 4.92
C ARG A 158 -17.52 -6.14 4.48
N ALA A 159 -18.51 -5.39 5.00
CA ALA A 159 -19.91 -5.72 4.77
C ALA A 159 -20.28 -5.83 3.27
N ASP A 160 -19.77 -4.92 2.45
CA ASP A 160 -20.04 -4.95 1.01
C ASP A 160 -19.27 -6.05 0.25
N GLY A 161 -18.44 -6.81 0.96
CA GLY A 161 -17.73 -7.93 0.34
C GLY A 161 -16.31 -7.66 -0.14
N ALA A 162 -15.93 -6.39 -0.25
CA ALA A 162 -14.56 -6.06 -0.63
C ALA A 162 -13.65 -6.55 0.48
N TYR A 163 -12.45 -6.97 0.11
CA TYR A 163 -11.43 -7.20 1.14
C TYR A 163 -11.17 -5.91 1.91
N ARG A 164 -10.91 -6.04 3.19
CA ARG A 164 -10.46 -4.90 3.97
C ARG A 164 -9.11 -4.38 3.41
N ASP A 165 -8.76 -3.14 3.75
CA ASP A 165 -7.59 -2.48 3.20
C ASP A 165 -6.29 -3.27 3.35
N VAL A 166 -6.04 -3.79 4.56
CA VAL A 166 -4.78 -4.48 4.81
C VAL A 166 -4.64 -5.70 3.88
N ALA A 167 -5.76 -6.37 3.58
CA ALA A 167 -5.72 -7.49 2.64
C ALA A 167 -5.39 -7.01 1.22
N ARG A 168 -6.08 -5.95 0.80
CA ARG A 168 -5.83 -5.35 -0.50
C ARG A 168 -4.38 -4.87 -0.60
N HIS A 169 -3.87 -4.34 0.50
CA HIS A 169 -2.50 -3.83 0.56
C HIS A 169 -1.49 -4.97 0.35
N VAL A 170 -1.69 -6.06 1.07
CA VAL A 170 -0.82 -7.22 0.97
C VAL A 170 -0.92 -7.85 -0.41
N ARG A 171 -2.11 -7.82 -1.00
CA ARG A 171 -2.29 -8.33 -2.35
C ARG A 171 -1.35 -7.64 -3.34
N SER A 172 -1.33 -6.32 -3.32
CA SER A 172 -0.44 -5.57 -4.22
C SER A 172 1.02 -5.78 -3.85
N THR A 173 1.32 -5.90 -2.56
CA THR A 173 2.71 -6.13 -2.13
C THR A 173 3.25 -7.41 -2.75
N ILE A 174 2.46 -8.47 -2.70
CA ILE A 174 2.87 -9.77 -3.23
C ILE A 174 2.98 -9.76 -4.76
N LEU A 175 2.00 -9.12 -5.42
CA LEU A 175 2.03 -8.95 -6.87
C LEU A 175 3.30 -8.23 -7.29
N LEU A 176 3.63 -7.14 -6.60
CA LEU A 176 4.81 -6.36 -6.99
C LEU A 176 6.09 -7.13 -6.70
N ALA A 177 6.16 -7.77 -5.53
CA ALA A 177 7.35 -8.55 -5.16
C ALA A 177 7.63 -9.69 -6.15
N ALA A 178 6.57 -10.40 -6.51
CA ALA A 178 6.71 -11.51 -7.44
C ALA A 178 7.21 -11.00 -8.79
N SER A 179 6.57 -9.94 -9.28
N SER A 179 6.57 -9.94 -9.29
CA SER A 179 6.89 -9.41 -10.60
CA SER A 179 6.91 -9.43 -10.61
C SER A 179 8.29 -8.81 -10.67
C SER A 179 8.32 -8.85 -10.66
N ALA A 180 8.75 -8.22 -9.57
CA ALA A 180 10.06 -7.60 -9.49
C ALA A 180 11.16 -8.63 -9.67
N PHE A 181 10.85 -9.89 -9.39
CA PHE A 181 11.87 -10.92 -9.46
C PHE A 181 11.50 -12.05 -10.44
N GLY A 182 10.59 -11.72 -11.36
CA GLY A 182 10.17 -12.63 -12.41
C GLY A 182 9.50 -13.91 -11.95
N ARG A 183 8.76 -13.84 -10.84
CA ARG A 183 8.10 -15.01 -10.28
C ARG A 183 6.66 -15.02 -10.73
N LEU A 184 6.05 -16.20 -10.78
CA LEU A 184 4.61 -16.32 -10.95
C LEU A 184 3.89 -15.60 -9.80
N ALA A 185 2.72 -15.03 -10.12
CA ALA A 185 1.86 -14.38 -9.13
C ALA A 185 0.50 -15.06 -9.02
N LEU A 186 0.16 -15.52 -7.82
CA LEU A 186 -1.07 -16.27 -7.62
C LEU A 186 -2.02 -15.51 -6.71
N ASP A 187 -3.25 -15.26 -7.18
CA ASP A 187 -4.22 -14.50 -6.41
C ASP A 187 -4.97 -15.44 -5.46
N ALA A 188 -5.56 -14.86 -4.42
CA ALA A 188 -6.15 -15.61 -3.31
C ALA A 188 -7.44 -16.36 -3.67
N VAL A 189 -7.71 -17.42 -2.92
CA VAL A 189 -8.90 -18.24 -3.11
C VAL A 189 -10.16 -17.43 -2.83
N HIS A 190 -11.26 -17.83 -3.47
CA HIS A 190 -12.57 -17.25 -3.28
C HIS A 190 -13.41 -18.25 -2.48
N LEU A 191 -13.56 -17.99 -1.20
CA LEU A 191 -14.09 -18.98 -0.26
C LEU A 191 -15.58 -19.28 -0.43
N ASP A 192 -16.30 -18.32 -1.03
CA ASP A 192 -17.76 -18.42 -1.25
C ASP A 192 -18.00 -19.21 -2.52
N ILE A 193 -18.18 -20.52 -2.38
CA ILE A 193 -18.06 -21.43 -3.53
C ILE A 193 -19.06 -21.10 -4.63
N LEU A 194 -20.32 -20.86 -4.24
CA LEU A 194 -21.39 -20.57 -5.18
C LEU A 194 -21.40 -19.13 -5.68
N ASP A 195 -20.54 -18.28 -5.13
CA ASP A 195 -20.47 -16.89 -5.57
C ASP A 195 -19.56 -16.78 -6.78
N VAL A 196 -20.07 -17.22 -7.94
CA VAL A 196 -19.28 -17.16 -9.16
C VAL A 196 -19.19 -15.73 -9.70
N GLU A 197 -20.20 -14.91 -9.41
CA GLU A 197 -20.17 -13.50 -9.79
C GLU A 197 -18.99 -12.78 -9.12
N GLY A 198 -18.83 -13.00 -7.82
CA GLY A 198 -17.71 -12.44 -7.11
C GLY A 198 -16.37 -13.00 -7.59
N LEU A 199 -16.32 -14.31 -7.82
CA LEU A 199 -15.12 -14.96 -8.32
C LEU A 199 -14.71 -14.38 -9.66
N GLN A 200 -15.69 -14.22 -10.56
CA GLN A 200 -15.46 -13.62 -11.86
C GLN A 200 -14.85 -12.22 -11.75
N GLU A 201 -15.42 -11.39 -10.89
CA GLU A 201 -14.91 -10.04 -10.65
C GLU A 201 -13.45 -10.06 -10.19
N GLU A 202 -13.17 -10.87 -9.18
CA GLU A 202 -11.80 -10.99 -8.68
C GLU A 202 -10.82 -11.47 -9.75
N ALA A 203 -11.18 -12.54 -10.46
CA ALA A 203 -10.29 -13.11 -11.46
C ALA A 203 -10.08 -12.17 -12.64
N ARG A 204 -11.13 -11.46 -13.06
CA ARG A 204 -10.95 -10.56 -14.20
C ARG A 204 -9.98 -9.47 -13.79
N ASP A 205 -10.12 -8.96 -12.58
CA ASP A 205 -9.20 -7.95 -12.06
C ASP A 205 -7.79 -8.51 -11.92
N ALA A 206 -7.67 -9.74 -11.40
CA ALA A 206 -6.38 -10.37 -11.25
C ALA A 206 -5.67 -10.45 -12.59
N ALA A 207 -6.39 -10.88 -13.60
CA ALA A 207 -5.81 -11.05 -14.94
C ALA A 207 -5.38 -9.68 -15.46
N ALA A 208 -6.19 -8.67 -15.17
CA ALA A 208 -5.94 -7.30 -15.66
C ALA A 208 -4.67 -6.69 -15.10
N VAL A 209 -4.30 -7.05 -13.87
CA VAL A 209 -3.14 -6.46 -13.25
C VAL A 209 -1.93 -7.39 -13.34
N GLY A 210 -2.09 -8.54 -13.99
CA GLY A 210 -0.94 -9.41 -14.29
C GLY A 210 -0.68 -10.57 -13.36
N PHE A 211 -1.62 -10.91 -12.49
CA PHE A 211 -1.53 -12.21 -11.82
C PHE A 211 -1.50 -13.31 -12.89
N ASP A 212 -0.88 -14.44 -12.56
CA ASP A 212 -0.79 -15.52 -13.53
C ASP A 212 -1.80 -16.61 -13.27
N VAL A 213 -2.30 -16.66 -12.05
CA VAL A 213 -3.14 -17.74 -11.58
C VAL A 213 -4.17 -17.19 -10.59
N THR A 214 -5.38 -17.71 -10.62
CA THR A 214 -6.30 -17.53 -9.48
C THR A 214 -6.49 -18.90 -8.85
N VAL A 215 -6.17 -19.05 -7.58
CA VAL A 215 -6.28 -20.36 -6.97
C VAL A 215 -7.74 -20.61 -6.56
N CYS A 216 -8.21 -21.84 -6.78
CA CYS A 216 -9.58 -22.20 -6.46
C CYS A 216 -9.63 -23.26 -5.37
N ILE A 217 -10.78 -23.33 -4.69
CA ILE A 217 -11.01 -24.34 -3.66
C ILE A 217 -12.12 -25.33 -4.02
N HIS A 218 -12.64 -25.23 -5.25
CA HIS A 218 -13.68 -26.14 -5.71
C HIS A 218 -13.62 -26.23 -7.24
N PRO A 219 -13.76 -27.45 -7.80
CA PRO A 219 -13.72 -27.69 -9.25
C PRO A 219 -14.65 -26.75 -10.03
N SER A 220 -15.81 -26.43 -9.47
CA SER A 220 -16.79 -25.56 -10.14
C SER A 220 -16.25 -24.17 -10.46
N GLN A 221 -15.19 -23.80 -9.77
CA GLN A 221 -14.62 -22.48 -9.94
C GLN A 221 -13.65 -22.41 -11.11
N ILE A 222 -13.13 -23.55 -11.54
CA ILE A 222 -12.12 -23.55 -12.60
C ILE A 222 -12.60 -22.89 -13.90
N PRO A 223 -13.75 -23.33 -14.44
CA PRO A 223 -14.28 -22.72 -15.66
C PRO A 223 -14.38 -21.19 -15.53
N VAL A 224 -14.87 -20.73 -14.39
CA VAL A 224 -15.03 -19.31 -14.14
C VAL A 224 -13.68 -18.59 -14.26
N VAL A 225 -12.64 -19.15 -13.63
CA VAL A 225 -11.30 -18.57 -13.67
C VAL A 225 -10.73 -18.55 -15.10
N ARG A 226 -10.82 -19.68 -15.78
CA ARG A 226 -10.31 -19.77 -17.14
C ARG A 226 -10.98 -18.74 -18.08
N LYS A 227 -12.29 -18.57 -17.96
CA LYS A 227 -12.97 -17.56 -18.78
C LYS A 227 -12.53 -16.13 -18.43
N ALA A 228 -12.43 -15.84 -17.14
CA ALA A 228 -12.04 -14.50 -16.71
C ALA A 228 -10.66 -14.07 -17.20
N TYR A 229 -9.75 -15.03 -17.37
CA TYR A 229 -8.39 -14.73 -17.83
C TYR A 229 -8.31 -14.59 -19.35
N ARG A 230 -9.42 -14.81 -20.02
CA ARG A 230 -9.51 -14.55 -21.45
C ARG A 230 -10.26 -13.24 -21.63
N PRO A 231 -9.70 -12.33 -22.43
CA PRO A 231 -10.34 -11.01 -22.64
C PRO A 231 -11.71 -11.14 -23.29
N SER A 232 -12.61 -10.22 -22.97
CA SER A 232 -13.94 -10.18 -23.59
C SER A 232 -13.82 -9.94 -25.08
N HIS A 233 -14.88 -10.21 -25.82
CA HIS A 233 -14.82 -9.99 -27.25
C HIS A 233 -14.58 -8.52 -27.55
N GLU A 234 -15.21 -7.65 -26.75
CA GLU A 234 -15.01 -6.22 -26.91
C GLU A 234 -13.56 -5.84 -26.69
N LYS A 235 -12.96 -6.34 -25.62
CA LYS A 235 -11.55 -6.07 -25.33
C LYS A 235 -10.65 -6.61 -26.44
N LEU A 236 -10.94 -7.81 -26.92
CA LEU A 236 -10.12 -8.39 -27.99
C LEU A 236 -10.23 -7.55 -29.24
N ALA A 237 -11.42 -7.04 -29.52
CA ALA A 237 -11.63 -6.23 -30.71
C ALA A 237 -10.88 -4.91 -30.60
N TRP A 238 -10.91 -4.28 -29.44
CA TRP A 238 -10.12 -3.07 -29.23
C TRP A 238 -8.62 -3.33 -29.41
N ALA A 239 -8.14 -4.42 -28.84
CA ALA A 239 -6.73 -4.76 -28.94
C ALA A 239 -6.31 -4.90 -30.41
N ARG A 240 -7.10 -5.60 -31.22
CA ARG A 240 -6.79 -5.75 -32.64
C ARG A 240 -6.87 -4.40 -33.34
N ARG A 241 -7.91 -3.64 -33.02
CA ARG A 241 -8.10 -2.29 -33.53
C ARG A 241 -6.90 -1.37 -33.26
N VAL A 242 -6.50 -1.22 -32.00
CA VAL A 242 -5.48 -0.24 -31.65
C VAL A 242 -4.11 -0.62 -32.23
N LEU A 243 -3.83 -1.92 -32.29
CA LEU A 243 -2.57 -2.38 -32.83
C LEU A 243 -2.55 -2.12 -34.34
N ALA A 244 -3.68 -2.35 -35.02
CA ALA A 244 -3.75 -1.99 -36.42
C ALA A 244 -3.47 -0.48 -36.57
N ALA A 245 -4.20 0.33 -35.80
CA ALA A 245 -4.06 1.79 -35.88
C ALA A 245 -2.62 2.27 -35.67
N SER A 246 -1.87 1.55 -34.84
CA SER A 246 -0.53 1.98 -34.44
C SER A 246 0.49 2.01 -35.57
N ARG A 247 0.39 1.05 -36.49
CA ARG A 247 1.28 0.98 -37.65
C ARG A 247 1.19 2.22 -38.56
N SER A 248 0.04 2.88 -38.56
CA SER A 248 -0.14 4.10 -39.35
C SER A 248 0.26 5.33 -38.52
N GLU A 249 0.74 5.08 -37.31
CA GLU A 249 1.08 6.14 -36.36
C GLU A 249 2.52 6.00 -35.84
N ARG A 250 3.09 7.12 -35.42
CA ARG A 250 4.45 7.12 -34.87
C ARG A 250 4.47 7.63 -33.44
N GLY A 251 4.91 6.78 -32.52
CA GLY A 251 4.96 7.15 -31.12
C GLY A 251 3.56 7.43 -30.61
N ALA A 252 3.42 8.45 -29.78
CA ALA A 252 2.13 8.80 -29.17
C ALA A 252 1.07 9.27 -30.16
N PHE A 253 -0.14 8.75 -29.99
CA PHE A 253 -1.27 9.13 -30.84
C PHE A 253 -2.60 8.94 -30.11
N ALA A 254 -3.60 9.71 -30.52
CA ALA A 254 -4.94 9.64 -29.95
C ALA A 254 -5.75 8.56 -30.64
N PHE A 255 -6.39 7.69 -29.85
CA PHE A 255 -7.24 6.65 -30.41
C PHE A 255 -8.47 6.47 -29.53
N GLU A 256 -9.64 6.77 -30.10
CA GLU A 256 -10.88 6.60 -29.38
C GLU A 256 -10.88 7.30 -28.02
N GLY A 257 -10.46 8.57 -28.02
CA GLY A 257 -10.46 9.39 -26.81
C GLY A 257 -9.28 9.18 -25.87
N GLN A 258 -8.46 8.17 -26.16
CA GLN A 258 -7.32 7.82 -25.30
C GLN A 258 -5.98 8.18 -25.94
N MET A 259 -5.02 8.58 -25.12
CA MET A 259 -3.65 8.71 -25.58
C MET A 259 -3.03 7.33 -25.58
N VAL A 260 -2.31 7.03 -26.64
CA VAL A 260 -1.75 5.71 -26.80
C VAL A 260 -0.27 5.79 -27.13
N ASP A 261 0.53 5.06 -26.37
CA ASP A 261 1.90 4.76 -26.78
C ASP A 261 2.30 3.38 -26.28
N SER A 262 3.60 3.11 -26.27
CA SER A 262 4.11 1.74 -26.18
C SER A 262 3.42 0.84 -25.15
N PRO A 263 3.35 1.27 -23.89
CA PRO A 263 2.82 0.34 -22.88
C PRO A 263 1.34 -0.03 -23.13
N VAL A 264 0.57 0.87 -23.72
CA VAL A 264 -0.83 0.57 -24.07
C VAL A 264 -0.87 -0.51 -25.17
N LEU A 265 0.05 -0.42 -26.12
CA LEU A 265 0.13 -1.44 -27.16
C LEU A 265 0.55 -2.80 -26.57
N THR A 266 1.39 -2.75 -25.53
CA THR A 266 1.76 -3.97 -24.83
C THR A 266 0.55 -4.62 -24.18
N HIS A 267 -0.33 -3.79 -23.60
CA HIS A 267 -1.53 -4.32 -22.97
C HIS A 267 -2.34 -5.06 -24.01
N ALA A 268 -2.48 -4.45 -25.17
CA ALA A 268 -3.22 -5.04 -26.29
C ALA A 268 -2.65 -6.40 -26.66
N GLU A 269 -1.33 -6.45 -26.85
CA GLU A 269 -0.68 -7.69 -27.24
C GLU A 269 -0.86 -8.77 -26.17
N THR A 270 -0.90 -8.36 -24.91
CA THR A 270 -1.12 -9.29 -23.81
C THR A 270 -2.53 -9.90 -23.85
N MET A 271 -3.52 -9.07 -24.20
CA MET A 271 -4.87 -9.56 -24.42
C MET A 271 -4.90 -10.60 -25.52
N LEU A 272 -4.25 -10.27 -26.64
CA LEU A 272 -4.21 -11.17 -27.78
C LEU A 272 -3.60 -12.52 -27.40
N ARG A 273 -2.47 -12.47 -26.70
CA ARG A 273 -1.79 -13.71 -26.30
C ARG A 273 -2.72 -14.60 -25.47
N ARG A 274 -3.40 -14.01 -24.49
CA ARG A 274 -4.30 -14.76 -23.64
C ARG A 274 -5.45 -15.39 -24.42
N ALA A 275 -5.60 -14.97 -25.67
CA ALA A 275 -6.70 -15.43 -26.49
C ALA A 275 -6.25 -16.48 -27.51
N GLY A 276 -4.94 -16.59 -27.71
CA GLY A 276 -4.40 -17.51 -28.70
C GLY A 276 -3.71 -16.78 -29.85
N MET B 9 17.68 24.35 -10.32
CA MET B 9 16.46 24.78 -11.00
C MET B 9 15.26 24.91 -10.05
N ASN B 10 14.58 26.06 -10.13
CA ASN B 10 13.45 26.34 -9.25
C ASN B 10 12.16 25.69 -9.74
N LEU B 11 12.15 24.37 -9.71
CA LEU B 11 11.00 23.61 -10.19
C LEU B 11 9.82 23.75 -9.23
N ARG B 12 10.12 23.73 -7.93
CA ARG B 12 9.08 23.78 -6.91
C ARG B 12 8.24 25.04 -7.01
N ALA B 13 8.78 26.09 -7.60
CA ALA B 13 8.05 27.34 -7.77
C ALA B 13 7.70 27.57 -9.23
N ALA B 14 7.25 26.53 -9.91
CA ALA B 14 6.96 26.62 -11.33
C ALA B 14 5.46 26.59 -11.66
N GLY B 15 4.67 25.98 -10.78
CA GLY B 15 3.28 25.73 -11.08
C GLY B 15 3.08 24.24 -11.26
N PRO B 16 1.83 23.76 -11.12
CA PRO B 16 1.60 22.31 -11.08
C PRO B 16 1.23 21.72 -12.44
N GLY B 17 1.11 22.55 -13.47
CA GLY B 17 0.67 22.10 -14.77
C GLY B 17 1.81 21.77 -15.73
N TRP B 18 2.28 20.54 -15.67
CA TRP B 18 3.33 20.08 -16.60
C TRP B 18 2.74 19.33 -17.79
N LEU B 19 3.40 19.47 -18.92
CA LEU B 19 2.91 18.94 -20.19
C LEU B 19 4.01 18.19 -20.92
N PHE B 20 3.73 16.93 -21.25
CA PHE B 20 4.55 16.18 -22.15
C PHE B 20 4.38 16.72 -23.56
N CYS B 21 5.49 16.82 -24.29
CA CYS B 21 5.48 17.06 -25.72
C CYS B 21 6.58 16.20 -26.37
N PRO B 22 6.20 15.26 -27.25
CA PRO B 22 7.25 14.45 -27.90
C PRO B 22 8.27 15.33 -28.62
N ALA B 23 9.55 15.02 -28.45
CA ALA B 23 10.60 15.87 -29.00
C ALA B 23 10.75 15.78 -30.52
N ASP B 24 10.04 14.88 -31.19
CA ASP B 24 10.04 14.86 -32.66
C ASP B 24 8.97 15.79 -33.26
N ARG B 25 8.41 16.66 -32.44
CA ARG B 25 7.43 17.62 -32.94
C ARG B 25 7.77 19.03 -32.47
N PRO B 26 8.92 19.55 -32.92
CA PRO B 26 9.40 20.87 -32.52
C PRO B 26 8.43 22.00 -32.89
N GLU B 27 7.67 21.83 -33.96
CA GLU B 27 6.73 22.86 -34.36
C GLU B 27 5.68 23.07 -33.25
N ARG B 28 5.59 22.11 -32.33
CA ARG B 28 4.63 22.18 -31.24
C ARG B 28 5.25 22.55 -29.89
N PHE B 29 6.56 22.80 -29.90
CA PHE B 29 7.28 23.12 -28.67
C PHE B 29 6.79 24.44 -28.09
N ALA B 30 6.58 25.41 -28.98
CA ALA B 30 6.16 26.75 -28.58
C ALA B 30 4.80 26.76 -27.92
N LYS B 31 3.83 26.06 -28.53
CA LYS B 31 2.50 25.94 -27.95
C LYS B 31 2.58 25.26 -26.59
N ALA B 32 3.45 24.27 -26.48
CA ALA B 32 3.66 23.54 -25.25
C ALA B 32 4.07 24.47 -24.12
N ALA B 33 5.10 25.27 -24.36
CA ALA B 33 5.64 26.19 -23.35
C ALA B 33 4.62 27.26 -22.95
N ALA B 34 3.91 27.79 -23.94
CA ALA B 34 2.89 28.80 -23.68
C ALA B 34 1.78 28.25 -22.78
N ALA B 35 1.38 27.01 -23.03
CA ALA B 35 0.23 26.41 -22.34
C ALA B 35 0.52 25.95 -20.92
N ALA B 36 1.73 25.45 -20.68
CA ALA B 36 2.03 24.76 -19.43
C ALA B 36 2.99 25.51 -18.52
N ASP B 37 3.03 25.11 -17.25
CA ASP B 37 3.95 25.69 -16.29
C ASP B 37 5.38 25.14 -16.50
N VAL B 38 5.46 23.87 -16.86
CA VAL B 38 6.73 23.23 -17.21
C VAL B 38 6.47 22.23 -18.33
N VAL B 39 7.37 22.15 -19.29
CA VAL B 39 7.23 21.21 -20.40
C VAL B 39 8.24 20.07 -20.28
N ILE B 40 7.77 18.84 -20.49
CA ILE B 40 8.67 17.69 -20.54
C ILE B 40 8.87 17.24 -21.99
N LEU B 41 9.96 17.68 -22.61
CA LEU B 41 10.31 17.22 -23.95
C LEU B 41 10.69 15.76 -23.88
N ASP B 42 10.06 14.95 -24.72
CA ASP B 42 10.15 13.49 -24.56
C ASP B 42 10.96 12.78 -25.64
N LEU B 43 12.00 12.07 -25.22
CA LEU B 43 12.81 11.27 -26.13
C LEU B 43 12.48 9.79 -26.01
N GLU B 44 11.62 9.44 -25.06
CA GLU B 44 11.29 8.05 -24.81
C GLU B 44 9.99 7.61 -25.48
N ASP B 45 9.08 7.01 -24.73
CA ASP B 45 7.91 6.33 -25.31
C ASP B 45 6.99 7.21 -26.18
N GLY B 46 7.07 8.52 -26.01
CA GLY B 46 6.32 9.42 -26.87
C GLY B 46 6.81 9.45 -28.29
N VAL B 47 8.01 8.91 -28.52
CA VAL B 47 8.66 9.04 -29.81
C VAL B 47 9.10 7.68 -30.34
N ALA B 48 8.64 7.33 -31.54
CA ALA B 48 9.03 6.09 -32.18
C ALA B 48 10.55 5.98 -32.30
N GLU B 49 11.05 4.77 -32.16
CA GLU B 49 12.49 4.56 -32.25
C GLU B 49 13.09 5.20 -33.51
N ALA B 50 12.40 5.09 -34.64
CA ALA B 50 13.00 5.63 -35.86
C ALA B 50 13.03 7.16 -35.86
N GLN B 51 12.16 7.78 -35.05
CA GLN B 51 12.09 9.24 -34.99
C GLN B 51 12.95 9.85 -33.88
N LYS B 52 13.53 9.00 -33.02
CA LYS B 52 14.39 9.52 -31.95
C LYS B 52 15.58 10.36 -32.43
N PRO B 53 16.26 9.94 -33.52
CA PRO B 53 17.35 10.81 -33.97
C PRO B 53 16.90 12.23 -34.34
N ALA B 54 15.74 12.34 -35.01
CA ALA B 54 15.18 13.66 -35.33
C ALA B 54 14.79 14.42 -34.06
N ALA B 55 14.26 13.68 -33.08
CA ALA B 55 13.92 14.31 -31.80
C ALA B 55 15.16 14.86 -31.10
N ARG B 56 16.27 14.13 -31.18
CA ARG B 56 17.53 14.60 -30.60
C ARG B 56 18.02 15.85 -31.30
N ASN B 57 17.77 15.96 -32.60
CA ASN B 57 18.11 17.17 -33.35
C ASN B 57 17.19 18.33 -32.99
N ALA B 58 15.90 18.04 -32.90
CA ALA B 58 14.90 19.05 -32.54
C ALA B 58 15.21 19.60 -31.16
N LEU B 59 15.73 18.73 -30.30
CA LEU B 59 16.14 19.11 -28.96
C LEU B 59 17.13 20.28 -29.00
N ARG B 60 18.08 20.19 -29.93
CA ARG B 60 19.11 21.22 -30.08
C ARG B 60 18.60 22.44 -30.84
N ASP B 61 17.79 22.18 -31.88
CA ASP B 61 17.37 23.22 -32.82
C ASP B 61 16.25 24.12 -32.31
N THR B 62 15.35 23.56 -31.51
CA THR B 62 14.21 24.30 -31.00
C THR B 62 14.24 24.36 -29.46
N PRO B 63 15.15 25.18 -28.92
CA PRO B 63 15.37 25.22 -27.48
C PRO B 63 14.22 25.93 -26.79
N LEU B 64 13.91 25.50 -25.57
CA LEU B 64 12.92 26.15 -24.72
C LEU B 64 13.61 26.66 -23.46
N ASP B 65 12.93 27.52 -22.72
CA ASP B 65 13.43 28.00 -21.45
C ASP B 65 13.88 26.81 -20.59
N PRO B 66 15.19 26.73 -20.32
CA PRO B 66 15.73 25.59 -19.57
C PRO B 66 15.23 25.57 -18.13
N GLU B 67 14.69 26.70 -17.69
CA GLU B 67 14.14 26.83 -16.34
C GLU B 67 12.74 26.24 -16.22
N ARG B 68 12.09 26.03 -17.36
CA ARG B 68 10.73 25.50 -17.40
C ARG B 68 10.64 24.29 -18.31
N THR B 69 11.73 23.57 -18.44
CA THR B 69 11.79 22.45 -19.38
C THR B 69 12.62 21.29 -18.84
N VAL B 70 12.02 20.11 -18.82
CA VAL B 70 12.71 18.89 -18.44
C VAL B 70 12.76 18.01 -19.69
N VAL B 71 13.76 17.15 -19.80
CA VAL B 71 13.86 16.26 -20.96
C VAL B 71 13.73 14.82 -20.51
N ARG B 72 12.71 14.10 -20.97
CA ARG B 72 12.66 12.69 -20.65
C ARG B 72 13.58 11.92 -21.59
N ILE B 73 14.63 11.33 -21.02
CA ILE B 73 15.55 10.52 -21.78
C ILE B 73 15.08 9.08 -21.75
N ASN B 74 15.81 8.19 -22.43
CA ASN B 74 15.47 6.78 -22.45
C ASN B 74 16.04 6.05 -21.24
N ALA B 75 15.67 4.79 -21.08
CA ALA B 75 15.98 4.04 -19.86
C ALA B 75 17.47 3.76 -19.67
N GLY B 76 17.86 3.48 -18.43
CA GLY B 76 19.23 3.09 -18.15
C GLY B 76 19.57 1.81 -18.91
N GLY B 77 20.83 1.67 -19.31
CA GLY B 77 21.26 0.44 -19.93
C GLY B 77 20.80 0.29 -21.37
N THR B 78 20.46 1.39 -22.02
CA THR B 78 20.08 1.32 -23.42
C THR B 78 21.01 2.17 -24.29
N ALA B 79 21.18 1.73 -25.52
CA ALA B 79 21.92 2.49 -26.53
C ALA B 79 21.26 3.85 -26.74
N ASP B 80 19.92 3.87 -26.71
CA ASP B 80 19.18 5.14 -26.83
C ASP B 80 19.62 6.18 -25.79
N GLN B 81 19.67 5.80 -24.52
CA GLN B 81 20.06 6.76 -23.49
C GLN B 81 21.45 7.38 -23.76
N ALA B 82 22.40 6.55 -24.17
CA ALA B 82 23.75 7.06 -24.47
C ALA B 82 23.72 8.18 -25.53
N ARG B 83 22.96 7.97 -26.60
CA ARG B 83 22.78 9.04 -27.60
C ARG B 83 21.98 10.24 -27.06
N ASP B 84 20.95 9.98 -26.25
CA ASP B 84 20.21 11.09 -25.63
C ASP B 84 21.19 12.01 -24.88
N LEU B 85 22.09 11.41 -24.11
CA LEU B 85 22.98 12.20 -23.27
C LEU B 85 23.98 12.96 -24.15
N GLU B 86 24.49 12.30 -25.18
CA GLU B 86 25.39 12.95 -26.11
C GLU B 86 24.70 14.18 -26.68
N ALA B 87 23.42 14.04 -27.00
CA ALA B 87 22.66 15.13 -27.60
C ALA B 87 22.38 16.25 -26.60
N LEU B 88 22.16 15.88 -25.34
CA LEU B 88 21.90 16.85 -24.26
C LEU B 88 23.14 17.70 -23.97
N ALA B 89 24.31 17.09 -24.09
CA ALA B 89 25.57 17.81 -23.86
C ALA B 89 25.65 19.05 -24.76
N GLY B 90 24.88 19.05 -25.83
CA GLY B 90 24.84 20.18 -26.74
C GLY B 90 23.62 21.05 -26.51
N THR B 91 23.05 20.96 -25.31
CA THR B 91 21.89 21.77 -24.94
C THR B 91 22.13 22.45 -23.60
N ALA B 92 21.14 23.23 -23.16
CA ALA B 92 21.23 23.96 -21.90
C ALA B 92 20.52 23.23 -20.76
N TYR B 93 19.84 22.14 -21.09
CA TYR B 93 18.99 21.43 -20.14
C TYR B 93 19.79 20.69 -19.06
N THR B 94 19.40 20.87 -17.80
CA THR B 94 20.14 20.30 -16.68
C THR B 94 19.33 19.26 -15.90
N THR B 95 18.02 19.21 -16.16
CA THR B 95 17.15 18.27 -15.46
C THR B 95 16.58 17.23 -16.42
N VAL B 96 16.80 15.96 -16.10
CA VAL B 96 16.29 14.89 -16.93
C VAL B 96 15.24 14.06 -16.19
N MET B 97 14.31 13.49 -16.93
CA MET B 97 13.40 12.49 -16.38
C MET B 97 13.85 11.09 -16.82
N LEU B 98 14.05 10.20 -15.86
CA LEU B 98 14.52 8.86 -16.16
C LEU B 98 13.37 7.87 -16.10
N PRO B 99 12.94 7.31 -17.24
CA PRO B 99 11.83 6.35 -17.28
C PRO B 99 12.31 4.98 -16.84
N LYS B 100 11.37 4.11 -16.44
CA LYS B 100 11.69 2.79 -15.91
C LYS B 100 12.78 2.87 -14.86
N ALA B 101 12.72 3.89 -14.01
CA ALA B 101 13.72 4.04 -12.95
C ALA B 101 13.61 2.83 -12.04
N GLU B 102 14.71 2.13 -11.81
CA GLU B 102 14.65 0.84 -11.11
C GLU B 102 15.71 0.64 -10.04
N SER B 103 16.69 1.54 -9.96
CA SER B 103 17.74 1.45 -8.93
C SER B 103 18.36 2.81 -8.68
N ALA B 104 18.98 2.98 -7.51
CA ALA B 104 19.69 4.22 -7.21
C ALA B 104 20.85 4.41 -8.18
N ALA B 105 21.49 3.30 -8.53
CA ALA B 105 22.60 3.28 -9.48
C ALA B 105 22.21 3.92 -10.82
N GLN B 106 20.99 3.65 -11.29
CA GLN B 106 20.53 4.25 -12.55
C GLN B 106 20.42 5.77 -12.43
N VAL B 107 20.16 6.28 -11.23
CA VAL B 107 20.03 7.72 -11.04
C VAL B 107 21.41 8.34 -10.88
N ILE B 108 22.20 7.73 -10.00
CA ILE B 108 23.56 8.17 -9.74
C ILE B 108 24.42 8.30 -11.00
N GLU B 109 24.25 7.38 -11.94
CA GLU B 109 25.08 7.41 -13.15
C GLU B 109 24.78 8.65 -13.99
N LEU B 110 23.76 9.39 -13.63
CA LEU B 110 23.35 10.56 -14.42
C LEU B 110 23.86 11.89 -13.85
N ALA B 111 24.49 11.83 -12.68
CA ALA B 111 25.10 13.04 -12.11
C ALA B 111 26.09 13.59 -13.12
N PRO B 112 26.33 14.92 -13.10
CA PRO B 112 25.81 15.89 -12.14
C PRO B 112 24.42 16.40 -12.46
N ARG B 113 23.72 15.80 -13.41
CA ARG B 113 22.39 16.30 -13.77
C ARG B 113 21.39 16.09 -12.64
N ASP B 114 20.36 16.94 -12.60
CA ASP B 114 19.21 16.73 -11.72
C ASP B 114 18.30 15.68 -12.35
N VAL B 115 17.72 14.79 -11.54
CA VAL B 115 16.99 13.68 -12.10
C VAL B 115 15.60 13.55 -11.48
N ILE B 116 14.57 13.54 -12.32
CA ILE B 116 13.24 13.13 -11.88
C ILE B 116 13.04 11.67 -12.26
N ALA B 117 12.97 10.80 -11.26
CA ALA B 117 12.80 9.37 -11.50
C ALA B 117 11.34 9.02 -11.74
N LEU B 118 11.08 8.43 -12.89
CA LEU B 118 9.74 7.98 -13.22
C LEU B 118 9.67 6.48 -12.95
N VAL B 119 9.02 6.14 -11.84
CA VAL B 119 8.84 4.75 -11.45
C VAL B 119 7.57 4.20 -12.08
N GLU B 120 7.73 3.11 -12.82
CA GLU B 120 6.64 2.58 -13.62
C GLU B 120 6.86 1.09 -13.90
N THR B 121 7.51 0.39 -12.97
CA THR B 121 7.66 -1.05 -13.06
C THR B 121 7.66 -1.60 -11.63
N ALA B 122 7.38 -2.89 -11.48
CA ALA B 122 7.32 -3.47 -10.14
C ALA B 122 8.67 -3.32 -9.44
N ARG B 123 9.75 -3.55 -10.18
CA ARG B 123 11.08 -3.39 -9.60
C ARG B 123 11.28 -1.97 -9.08
N GLY B 124 10.92 -0.96 -9.87
CA GLY B 124 11.04 0.42 -9.38
C GLY B 124 10.20 0.70 -8.13
N ALA B 125 8.98 0.18 -8.07
CA ALA B 125 8.14 0.40 -6.89
C ALA B 125 8.79 -0.23 -5.68
N VAL B 126 9.33 -1.42 -5.85
CA VAL B 126 9.99 -2.14 -4.77
C VAL B 126 11.24 -1.39 -4.33
N CSO B 127 11.90 -0.68 -5.23
CA CSO B 127 13.10 0.10 -4.86
CB CSO B 127 14.27 -0.15 -5.84
SG CSO B 127 14.66 -1.91 -6.00
C CSO B 127 12.82 1.60 -4.76
O CSO B 127 13.75 2.40 -4.87
OD CSO B 127 15.55 -2.45 -4.55
N ALA B 128 11.56 1.99 -4.55
CA ALA B 128 11.23 3.42 -4.55
C ALA B 128 12.05 4.27 -3.55
N ALA B 129 12.20 3.77 -2.33
CA ALA B 129 12.97 4.49 -1.31
C ALA B 129 14.42 4.71 -1.75
N GLU B 130 15.07 3.65 -2.20
N GLU B 130 15.06 3.64 -2.20
CA GLU B 130 16.45 3.75 -2.66
CA GLU B 130 16.43 3.69 -2.69
C GLU B 130 16.58 4.73 -3.81
C GLU B 130 16.58 4.70 -3.82
N ILE B 131 15.63 4.69 -4.73
CA ILE B 131 15.63 5.60 -5.87
C ILE B 131 15.44 7.06 -5.44
N ALA B 132 14.48 7.30 -4.53
CA ALA B 132 14.24 8.66 -4.05
C ALA B 132 15.44 9.22 -3.28
N ALA B 133 16.16 8.35 -2.58
CA ALA B 133 17.29 8.78 -1.77
C ALA B 133 18.53 9.14 -2.55
N ALA B 134 18.60 8.67 -3.81
CA ALA B 134 19.82 8.88 -4.59
C ALA B 134 20.11 10.38 -4.74
N ASP B 135 21.38 10.73 -4.64
CA ASP B 135 21.79 12.12 -4.58
C ASP B 135 21.27 13.02 -5.72
N PRO B 136 21.31 12.52 -6.97
CA PRO B 136 20.86 13.39 -8.06
C PRO B 136 19.34 13.54 -8.14
N THR B 137 18.59 12.77 -7.35
CA THR B 137 17.13 12.84 -7.42
C THR B 137 16.57 14.17 -6.92
N VAL B 138 15.80 14.84 -7.76
CA VAL B 138 15.06 16.02 -7.33
C VAL B 138 13.55 15.82 -7.39
N GLY B 139 13.10 14.73 -8.01
CA GLY B 139 11.66 14.42 -8.07
C GLY B 139 11.33 12.97 -8.36
N MET B 140 10.10 12.56 -8.00
CA MET B 140 9.59 11.23 -8.34
C MET B 140 8.24 11.37 -9.02
N MET B 141 8.06 10.68 -10.15
CA MET B 141 6.76 10.55 -10.80
C MET B 141 6.43 9.05 -10.85
N TRP B 142 5.16 8.69 -10.97
CA TRP B 142 4.81 7.28 -11.22
C TRP B 142 4.07 7.12 -12.54
N GLY B 143 4.15 5.92 -13.11
CA GLY B 143 3.52 5.63 -14.40
C GLY B 143 2.74 4.34 -14.29
N ALA B 144 1.44 4.43 -14.50
CA ALA B 144 0.54 3.29 -14.35
C ALA B 144 0.60 2.32 -15.53
N GLU B 145 0.91 2.82 -16.72
CA GLU B 145 0.75 1.98 -17.91
C GLU B 145 1.93 1.04 -18.12
N ASP B 146 3.15 1.54 -18.01
CA ASP B 146 4.29 0.65 -18.01
C ASP B 146 4.25 -0.27 -16.80
N LEU B 147 3.66 0.20 -15.70
CA LEU B 147 3.50 -0.66 -14.53
C LEU B 147 2.70 -1.90 -14.90
N ILE B 148 1.48 -1.70 -15.38
CA ILE B 148 0.61 -2.81 -15.78
C ILE B 148 1.24 -3.62 -16.92
N ALA B 149 1.90 -2.93 -17.84
CA ALA B 149 2.57 -3.62 -18.96
C ALA B 149 3.60 -4.59 -18.43
N THR B 150 4.56 -4.08 -17.67
CA THR B 150 5.64 -4.92 -17.16
C THR B 150 5.12 -5.93 -16.13
N LEU B 151 3.97 -5.67 -15.54
CA LEU B 151 3.33 -6.64 -14.64
C LEU B 151 2.79 -7.85 -15.40
N GLY B 152 2.63 -7.69 -16.71
CA GLY B 152 1.97 -8.69 -17.53
C GLY B 152 0.46 -8.47 -17.55
N GLY B 153 0.01 -7.28 -17.17
CA GLY B 153 -1.40 -6.95 -17.11
C GLY B 153 -1.94 -6.39 -18.43
N SER B 154 -3.20 -5.96 -18.43
CA SER B 154 -3.83 -5.49 -19.66
C SER B 154 -4.71 -4.22 -19.46
N SER B 155 -4.96 -3.82 -18.23
CA SER B 155 -5.58 -2.50 -17.99
C SER B 155 -5.25 -1.89 -16.62
N SER B 156 -5.03 -0.58 -16.58
CA SER B 156 -4.66 0.05 -15.32
C SER B 156 -5.89 0.49 -14.53
N ARG B 157 -7.04 0.54 -15.20
CA ARG B 157 -8.26 1.01 -14.57
C ARG B 157 -9.39 0.00 -14.74
N ARG B 158 -10.27 -0.08 -13.75
CA ARG B 158 -11.40 -0.98 -13.83
C ARG B 158 -12.52 -0.32 -14.64
N ALA B 159 -13.63 -1.01 -14.80
CA ALA B 159 -14.72 -0.52 -15.65
C ALA B 159 -15.17 0.91 -15.31
N ASP B 160 -15.31 1.21 -14.02
CA ASP B 160 -15.81 2.53 -13.63
C ASP B 160 -14.76 3.64 -13.75
N GLY B 161 -13.55 3.31 -14.19
CA GLY B 161 -12.53 4.32 -14.39
C GLY B 161 -11.51 4.48 -13.28
N ALA B 162 -11.79 3.98 -12.08
CA ALA B 162 -10.84 4.05 -10.99
C ALA B 162 -9.61 3.21 -11.31
N TYR B 163 -8.45 3.65 -10.84
CA TYR B 163 -7.22 2.86 -10.97
C TYR B 163 -7.43 1.57 -10.20
N ARG B 164 -6.88 0.48 -10.72
CA ARG B 164 -6.87 -0.77 -10.00
C ARG B 164 -5.94 -0.65 -8.78
N ASP B 165 -6.13 -1.55 -7.81
CA ASP B 165 -5.42 -1.45 -6.55
C ASP B 165 -3.88 -1.34 -6.67
N VAL B 166 -3.27 -2.16 -7.50
CA VAL B 166 -1.81 -2.11 -7.58
C VAL B 166 -1.32 -0.74 -8.08
N ALA B 167 -2.08 -0.09 -8.96
CA ALA B 167 -1.70 1.26 -9.38
C ALA B 167 -1.88 2.29 -8.25
N ARG B 168 -2.97 2.19 -7.50
CA ARG B 168 -3.22 3.12 -6.38
C ARG B 168 -2.13 2.92 -5.32
N HIS B 169 -1.72 1.66 -5.15
CA HIS B 169 -0.65 1.28 -4.22
C HIS B 169 0.69 1.94 -4.58
N VAL B 170 1.03 1.92 -5.86
CA VAL B 170 2.31 2.46 -6.32
C VAL B 170 2.30 3.98 -6.27
N ARG B 171 1.14 4.58 -6.57
CA ARG B 171 1.00 6.02 -6.43
C ARG B 171 1.37 6.50 -5.03
N SER B 172 0.80 5.86 -4.01
CA SER B 172 1.13 6.19 -2.63
C SER B 172 2.60 5.90 -2.32
N THR B 173 3.08 4.74 -2.75
CA THR B 173 4.48 4.37 -2.59
C THR B 173 5.40 5.51 -3.06
N ILE B 174 5.12 6.04 -4.24
CA ILE B 174 5.95 7.10 -4.82
C ILE B 174 5.80 8.47 -4.13
N LEU B 175 4.57 8.82 -3.77
CA LEU B 175 4.35 10.05 -3.02
C LEU B 175 5.17 10.02 -1.71
N LEU B 176 5.09 8.92 -0.97
CA LEU B 176 5.81 8.80 0.31
C LEU B 176 7.33 8.76 0.10
N ALA B 177 7.78 8.02 -0.90
CA ALA B 177 9.20 7.91 -1.14
C ALA B 177 9.78 9.29 -1.46
N ALA B 178 9.11 10.01 -2.36
CA ALA B 178 9.57 11.35 -2.74
C ALA B 178 9.61 12.26 -1.54
N SER B 179 8.51 12.28 -0.79
N SER B 179 8.49 12.32 -0.81
CA SER B 179 8.35 13.20 0.33
CA SER B 179 8.35 13.19 0.32
C SER B 179 9.26 12.86 1.52
C SER B 179 9.40 12.86 1.38
N ALA B 180 9.55 11.58 1.70
CA ALA B 180 10.52 11.14 2.71
C ALA B 180 11.92 11.71 2.44
N PHE B 181 12.21 12.04 1.19
CA PHE B 181 13.55 12.53 0.86
C PHE B 181 13.58 13.96 0.33
N GLY B 182 12.48 14.68 0.58
CA GLY B 182 12.35 16.07 0.18
C GLY B 182 12.33 16.28 -1.34
N ARG B 183 11.78 15.32 -2.09
CA ARG B 183 11.80 15.42 -3.56
C ARG B 183 10.47 15.95 -4.07
N LEU B 184 10.46 16.55 -5.25
CA LEU B 184 9.17 16.87 -5.89
C LEU B 184 8.37 15.59 -6.07
N ALA B 185 7.03 15.71 -6.05
CA ALA B 185 6.15 14.58 -6.32
C ALA B 185 5.19 14.88 -7.47
N LEU B 186 5.31 14.09 -8.53
CA LEU B 186 4.54 14.28 -9.77
C LEU B 186 3.51 13.16 -9.94
N ASP B 187 2.24 13.53 -10.06
CA ASP B 187 1.17 12.54 -10.23
C ASP B 187 1.04 12.11 -11.69
N ALA B 188 0.49 10.91 -11.89
CA ALA B 188 0.44 10.27 -13.20
C ALA B 188 -0.46 10.97 -14.22
N VAL B 189 -0.09 10.87 -15.49
CA VAL B 189 -0.87 11.48 -16.57
C VAL B 189 -2.30 10.92 -16.61
N HIS B 190 -3.23 11.72 -17.12
CA HIS B 190 -4.61 11.29 -17.33
C HIS B 190 -4.81 11.07 -18.83
N LEU B 191 -4.89 9.80 -19.24
CA LEU B 191 -4.83 9.42 -20.65
C LEU B 191 -6.14 9.60 -21.43
N ASP B 192 -7.27 9.58 -20.72
CA ASP B 192 -8.58 9.85 -21.30
C ASP B 192 -8.70 11.36 -21.55
N ILE B 193 -8.37 11.79 -22.76
CA ILE B 193 -8.20 13.20 -23.07
C ILE B 193 -9.47 14.00 -22.85
N LEU B 194 -10.60 13.38 -23.16
CA LEU B 194 -11.91 14.04 -23.11
C LEU B 194 -12.53 14.01 -21.72
N ASP B 195 -12.00 13.14 -20.85
CA ASP B 195 -12.53 12.96 -19.50
C ASP B 195 -11.98 14.04 -18.57
N VAL B 196 -12.48 15.26 -18.73
CA VAL B 196 -12.09 16.37 -17.85
C VAL B 196 -12.62 16.17 -16.43
N GLU B 197 -13.72 15.45 -16.29
CA GLU B 197 -14.29 15.19 -14.97
C GLU B 197 -13.33 14.37 -14.12
N GLY B 198 -12.81 13.30 -14.70
CA GLY B 198 -11.85 12.45 -14.03
C GLY B 198 -10.52 13.16 -13.77
N LEU B 199 -10.08 13.95 -14.74
CA LEU B 199 -8.84 14.72 -14.57
C LEU B 199 -9.01 15.66 -13.39
N GLN B 200 -10.15 16.34 -13.32
CA GLN B 200 -10.42 17.23 -12.18
C GLN B 200 -10.36 16.49 -10.85
N GLU B 201 -11.03 15.33 -10.77
CA GLU B 201 -11.09 14.57 -9.52
C GLU B 201 -9.69 14.18 -9.05
N GLU B 202 -8.86 13.78 -10.01
CA GLU B 202 -7.51 13.31 -9.71
C GLU B 202 -6.63 14.44 -9.25
N ALA B 203 -6.67 15.54 -10.00
CA ALA B 203 -5.82 16.68 -9.70
C ALA B 203 -6.18 17.32 -8.36
N ARG B 204 -7.47 17.45 -8.05
CA ARG B 204 -7.87 17.95 -6.73
C ARG B 204 -7.31 17.04 -5.62
N ASP B 205 -7.49 15.73 -5.79
CA ASP B 205 -7.00 14.79 -4.80
C ASP B 205 -5.47 14.81 -4.68
N ALA B 206 -4.80 14.86 -5.83
CA ALA B 206 -3.34 14.99 -5.85
C ALA B 206 -2.92 16.20 -5.05
N ALA B 207 -3.58 17.32 -5.29
CA ALA B 207 -3.28 18.56 -4.57
C ALA B 207 -3.52 18.35 -3.08
N ALA B 208 -4.62 17.68 -2.75
CA ALA B 208 -4.96 17.47 -1.34
C ALA B 208 -3.93 16.67 -0.57
N VAL B 209 -3.24 15.75 -1.23
CA VAL B 209 -2.31 14.87 -0.52
C VAL B 209 -0.85 15.30 -0.66
N GLY B 210 -0.60 16.45 -1.31
CA GLY B 210 0.77 16.95 -1.37
C GLY B 210 1.57 16.68 -2.63
N PHE B 211 0.94 16.16 -3.68
CA PHE B 211 1.63 16.14 -4.96
C PHE B 211 1.87 17.60 -5.35
N ASP B 212 3.01 17.87 -5.96
CA ASP B 212 3.34 19.22 -6.38
C ASP B 212 2.89 19.47 -7.81
N VAL B 213 2.75 18.39 -8.56
CA VAL B 213 2.53 18.45 -10.00
C VAL B 213 1.54 17.39 -10.46
N THR B 214 0.67 17.75 -11.40
CA THR B 214 -0.07 16.74 -12.16
C THR B 214 0.37 16.86 -13.60
N VAL B 215 1.03 15.83 -14.11
CA VAL B 215 1.58 15.85 -15.47
C VAL B 215 0.47 15.64 -16.50
N CYS B 216 0.48 16.46 -17.55
CA CYS B 216 -0.52 16.38 -18.61
C CYS B 216 0.05 15.91 -19.93
N ILE B 217 -0.83 15.38 -20.78
CA ILE B 217 -0.46 14.92 -22.12
C ILE B 217 -1.21 15.69 -23.19
N HIS B 218 -2.07 16.62 -22.79
CA HIS B 218 -2.72 17.52 -23.75
C HIS B 218 -2.80 18.92 -23.16
N PRO B 219 -2.57 19.95 -23.97
CA PRO B 219 -2.65 21.32 -23.46
C PRO B 219 -4.04 21.66 -22.90
N SER B 220 -5.08 21.06 -23.47
CA SER B 220 -6.45 21.29 -22.97
C SER B 220 -6.59 20.92 -21.50
N GLN B 221 -5.71 20.05 -21.02
CA GLN B 221 -5.78 19.60 -19.64
C GLN B 221 -5.18 20.57 -18.61
N ILE B 222 -4.30 21.46 -19.07
CA ILE B 222 -3.58 22.34 -18.15
C ILE B 222 -4.51 23.22 -17.32
N PRO B 223 -5.46 23.92 -17.97
CA PRO B 223 -6.41 24.71 -17.19
C PRO B 223 -7.14 23.86 -16.15
N VAL B 224 -7.64 22.70 -16.54
CA VAL B 224 -8.30 21.80 -15.60
C VAL B 224 -7.43 21.55 -14.38
N VAL B 225 -6.15 21.25 -14.61
CA VAL B 225 -5.20 20.99 -13.54
C VAL B 225 -5.01 22.22 -12.67
N ARG B 226 -4.72 23.35 -13.30
CA ARG B 226 -4.51 24.60 -12.59
C ARG B 226 -5.68 24.93 -11.66
N LYS B 227 -6.90 24.90 -12.20
CA LYS B 227 -8.09 25.15 -11.42
C LYS B 227 -8.22 24.18 -10.24
N ALA B 228 -7.72 22.97 -10.42
CA ALA B 228 -7.87 21.91 -9.43
C ALA B 228 -6.96 22.08 -8.22
N TYR B 229 -5.81 22.72 -8.43
CA TYR B 229 -4.83 22.89 -7.36
C TYR B 229 -5.11 24.12 -6.51
N ARG B 230 -6.12 24.89 -6.89
CA ARG B 230 -6.56 26.00 -6.06
C ARG B 230 -7.79 25.60 -5.25
N PRO B 231 -7.70 25.76 -3.91
CA PRO B 231 -8.76 25.39 -2.97
C PRO B 231 -10.08 26.13 -3.22
N SER B 232 -11.22 25.48 -2.95
CA SER B 232 -12.54 26.10 -3.02
C SER B 232 -12.58 27.40 -2.22
N HIS B 233 -13.38 28.35 -2.67
CA HIS B 233 -13.59 29.54 -1.86
C HIS B 233 -14.11 29.13 -0.46
N GLU B 234 -14.77 27.99 -0.40
CA GLU B 234 -15.31 27.46 0.83
C GLU B 234 -14.20 26.99 1.75
N LYS B 235 -13.21 26.31 1.18
CA LYS B 235 -12.08 25.83 1.97
C LYS B 235 -11.27 27.02 2.45
N LEU B 236 -11.09 28.00 1.57
CA LEU B 236 -10.36 29.22 1.94
C LEU B 236 -11.03 29.94 3.10
N ALA B 237 -12.34 30.13 3.01
CA ALA B 237 -13.07 30.80 4.08
C ALA B 237 -12.80 30.06 5.38
N TRP B 238 -12.95 28.74 5.35
CA TRP B 238 -12.70 27.94 6.54
C TRP B 238 -11.27 28.16 7.06
N ALA B 239 -10.29 28.07 6.17
CA ALA B 239 -8.90 28.26 6.57
C ALA B 239 -8.72 29.60 7.29
N ARG B 240 -9.25 30.68 6.71
CA ARG B 240 -9.13 31.99 7.35
C ARG B 240 -9.80 32.02 8.73
N ARG B 241 -10.91 31.30 8.87
CA ARG B 241 -11.66 31.34 10.13
C ARG B 241 -10.93 30.58 11.24
N VAL B 242 -10.40 29.42 10.91
CA VAL B 242 -9.72 28.61 11.92
C VAL B 242 -8.38 29.21 12.35
N LEU B 243 -7.65 29.82 11.41
CA LEU B 243 -6.41 30.50 11.75
C LEU B 243 -6.65 31.72 12.61
N ALA B 244 -7.67 32.50 12.27
CA ALA B 244 -8.06 33.63 13.08
C ALA B 244 -8.44 33.14 14.48
N ALA B 245 -9.19 32.05 14.53
CA ALA B 245 -9.65 31.49 15.80
C ALA B 245 -8.49 31.03 16.66
N SER B 246 -7.47 30.46 16.03
CA SER B 246 -6.39 29.84 16.77
C SER B 246 -5.54 30.89 17.46
N ARG B 247 -5.59 32.12 16.97
CA ARG B 247 -4.84 33.22 17.54
C ARG B 247 -5.22 33.50 19.00
N SER B 248 -6.40 33.04 19.38
CA SER B 248 -6.92 33.24 20.72
C SER B 248 -7.07 31.92 21.46
N GLU B 249 -6.32 30.90 21.04
CA GLU B 249 -6.39 29.59 21.64
C GLU B 249 -4.99 29.06 21.96
N ARG B 250 -4.88 28.26 23.00
CA ARG B 250 -3.61 27.62 23.30
C ARG B 250 -3.68 26.12 23.07
N GLY B 251 -2.89 25.64 22.12
CA GLY B 251 -2.82 24.23 21.82
C GLY B 251 -4.06 23.73 21.12
N ALA B 252 -4.41 22.48 21.38
CA ALA B 252 -5.57 21.86 20.77
C ALA B 252 -6.82 22.59 21.21
N PHE B 253 -7.73 22.85 20.28
CA PHE B 253 -9.02 23.45 20.61
C PHE B 253 -10.08 22.95 19.66
N ALA B 254 -11.34 22.98 20.12
CA ALA B 254 -12.44 22.51 19.30
C ALA B 254 -13.02 23.66 18.49
N PHE B 255 -13.16 23.45 17.19
CA PHE B 255 -13.64 24.52 16.32
C PHE B 255 -14.67 23.99 15.34
N GLU B 256 -15.88 24.54 15.41
CA GLU B 256 -16.95 24.16 14.50
C GLU B 256 -17.08 22.63 14.46
N GLY B 257 -17.01 22.02 15.64
CA GLY B 257 -17.26 20.60 15.80
C GLY B 257 -16.06 19.70 15.54
N GLN B 258 -14.93 20.31 15.21
CA GLN B 258 -13.74 19.54 14.90
C GLN B 258 -12.65 19.80 15.92
N MET B 259 -11.87 18.76 16.22
CA MET B 259 -10.67 18.95 17.02
C MET B 259 -9.58 19.56 16.12
N VAL B 260 -9.00 20.67 16.58
CA VAL B 260 -8.02 21.42 15.79
C VAL B 260 -6.67 21.56 16.52
N ASP B 261 -5.60 21.03 15.93
CA ASP B 261 -4.25 21.24 16.47
C ASP B 261 -3.27 21.59 15.37
N SER B 262 -1.97 21.52 15.67
CA SER B 262 -0.93 21.99 14.76
C SER B 262 -1.07 21.62 13.27
N PRO B 263 -1.14 20.31 12.95
CA PRO B 263 -1.22 19.96 11.53
C PRO B 263 -2.48 20.49 10.83
N VAL B 264 -3.60 20.61 11.55
CA VAL B 264 -4.80 21.16 10.92
C VAL B 264 -4.56 22.65 10.54
N LEU B 265 -3.85 23.38 11.40
CA LEU B 265 -3.55 24.77 11.09
C LEU B 265 -2.57 24.87 9.91
N THR B 266 -1.67 23.90 9.80
CA THR B 266 -0.76 23.82 8.65
C THR B 266 -1.52 23.60 7.33
N HIS B 267 -2.48 22.67 7.36
CA HIS B 267 -3.36 22.45 6.23
C HIS B 267 -3.99 23.76 5.79
N ALA B 268 -4.50 24.53 6.76
CA ALA B 268 -5.19 25.79 6.46
C ALA B 268 -4.24 26.76 5.78
N GLU B 269 -3.04 26.89 6.35
CA GLU B 269 -2.04 27.78 5.78
C GLU B 269 -1.60 27.33 4.40
N THR B 270 -1.56 26.02 4.18
CA THR B 270 -1.20 25.48 2.88
C THR B 270 -2.25 25.86 1.83
N MET B 271 -3.52 25.80 2.22
CA MET B 271 -4.60 26.27 1.35
C MET B 271 -4.37 27.74 0.98
N LEU B 272 -4.03 28.54 1.98
CA LEU B 272 -3.88 29.98 1.76
C LEU B 272 -2.67 30.27 0.87
N ARG B 273 -1.69 29.37 0.89
CA ARG B 273 -0.51 29.54 0.05
C ARG B 273 -0.83 29.16 -1.38
N ARG B 274 -1.40 27.97 -1.56
CA ARG B 274 -1.82 27.51 -2.88
C ARG B 274 -2.72 28.55 -3.56
N ALA B 275 -3.34 29.40 -2.74
CA ALA B 275 -4.24 30.42 -3.24
C ALA B 275 -3.52 31.77 -3.35
N GLY B 276 -3.56 32.54 -2.27
CA GLY B 276 -2.93 33.85 -2.23
C GLY B 276 -1.41 33.76 -2.19
N MET C 9 4.41 -2.84 31.86
CA MET C 9 3.10 -2.22 31.64
C MET C 9 2.20 -3.09 30.75
N ASN C 10 1.09 -3.55 31.30
CA ASN C 10 0.24 -4.51 30.62
C ASN C 10 -0.78 -3.86 29.67
N LEU C 11 -0.28 -3.31 28.57
CA LEU C 11 -1.12 -2.54 27.66
C LEU C 11 -2.22 -3.38 27.02
N ARG C 12 -1.90 -4.63 26.69
CA ARG C 12 -2.90 -5.50 26.06
C ARG C 12 -4.09 -5.83 26.98
N ALA C 13 -3.86 -5.75 28.28
CA ALA C 13 -4.91 -6.05 29.26
C ALA C 13 -5.93 -4.91 29.39
N ALA C 14 -5.50 -3.69 29.06
CA ALA C 14 -6.38 -2.54 29.13
C ALA C 14 -7.24 -2.45 27.87
N GLY C 15 -8.38 -1.78 27.98
CA GLY C 15 -9.32 -1.69 26.88
C GLY C 15 -8.77 -0.97 25.66
N PRO C 16 -9.56 -0.95 24.58
CA PRO C 16 -9.17 -0.34 23.30
C PRO C 16 -9.41 1.18 23.28
N GLY C 17 -9.97 1.73 24.35
CA GLY C 17 -10.32 3.14 24.37
C GLY C 17 -9.29 4.07 24.97
N TRP C 18 -8.36 4.56 24.15
CA TRP C 18 -7.34 5.48 24.65
C TRP C 18 -7.71 6.93 24.35
N LEU C 19 -7.27 7.84 25.20
CA LEU C 19 -7.69 9.24 25.09
C LEU C 19 -6.54 10.25 25.26
N PHE C 20 -6.39 11.15 24.27
CA PHE C 20 -5.46 12.28 24.37
C PHE C 20 -5.96 13.32 25.38
N CYS C 21 -5.10 13.72 26.30
CA CYS C 21 -5.41 14.81 27.22
C CYS C 21 -4.24 15.76 27.34
N PRO C 22 -4.44 17.02 26.93
CA PRO C 22 -3.36 18.02 26.99
C PRO C 22 -2.83 18.14 28.42
N ALA C 23 -1.50 18.09 28.54
CA ALA C 23 -0.87 18.01 29.86
C ALA C 23 -0.81 19.34 30.60
N ASP C 24 -1.16 20.43 29.91
CA ASP C 24 -1.24 21.73 30.56
C ASP C 24 -2.65 21.99 31.08
N ARG C 25 -3.45 20.93 31.18
CA ARG C 25 -4.77 21.05 31.78
C ARG C 25 -4.95 20.00 32.88
N PRO C 26 -4.13 20.08 33.93
CA PRO C 26 -4.13 19.05 34.98
C PRO C 26 -5.49 18.87 35.63
N GLU C 27 -6.34 19.89 35.55
CA GLU C 27 -7.68 19.85 36.15
C GLU C 27 -8.60 18.87 35.42
N ARG C 28 -8.10 18.28 34.34
CA ARG C 28 -8.89 17.36 33.54
C ARG C 28 -8.33 15.94 33.59
N PHE C 29 -7.12 15.80 34.12
CA PHE C 29 -6.46 14.49 34.22
C PHE C 29 -7.37 13.46 34.87
N ALA C 30 -7.94 13.82 36.00
CA ALA C 30 -8.74 12.89 36.78
C ALA C 30 -9.91 12.36 35.97
N LYS C 31 -10.58 13.25 35.24
CA LYS C 31 -11.75 12.85 34.46
C LYS C 31 -11.38 12.03 33.22
N ALA C 32 -10.34 12.45 32.52
CA ALA C 32 -9.88 11.69 31.36
C ALA C 32 -9.61 10.26 31.80
N ALA C 33 -8.86 10.12 32.88
CA ALA C 33 -8.53 8.82 33.46
C ALA C 33 -9.79 8.00 33.69
N ALA C 34 -10.81 8.66 34.24
CA ALA C 34 -12.06 7.98 34.58
C ALA C 34 -12.79 7.52 33.33
N ALA C 35 -12.82 8.37 32.31
CA ALA C 35 -13.55 8.09 31.07
C ALA C 35 -12.86 7.08 30.15
N ALA C 36 -11.52 7.06 30.14
CA ALA C 36 -10.76 6.29 29.15
C ALA C 36 -10.14 5.01 29.71
N ASP C 37 -9.73 4.10 28.83
CA ASP C 37 -8.99 2.92 29.24
C ASP C 37 -7.57 3.32 29.56
N VAL C 38 -6.96 4.05 28.63
CA VAL C 38 -5.61 4.57 28.84
C VAL C 38 -5.62 6.03 28.45
N VAL C 39 -5.00 6.87 29.27
CA VAL C 39 -4.85 8.27 28.95
C VAL C 39 -3.45 8.50 28.41
N ILE C 40 -3.38 9.24 27.31
CA ILE C 40 -2.13 9.75 26.79
C ILE C 40 -1.95 11.21 27.21
N LEU C 41 -1.18 11.44 28.26
CA LEU C 41 -0.90 12.80 28.70
C LEU C 41 0.00 13.43 27.65
N ASP C 42 -0.41 14.56 27.09
CA ASP C 42 0.21 15.06 25.87
C ASP C 42 1.06 16.29 26.12
N LEU C 43 2.37 16.18 25.84
CA LEU C 43 3.31 17.29 25.93
C LEU C 43 3.63 17.87 24.56
N GLU C 44 3.14 17.21 23.51
CA GLU C 44 3.45 17.65 22.14
C GLU C 44 2.39 18.61 21.58
N ASP C 45 1.79 18.28 20.43
CA ASP C 45 0.90 19.21 19.71
C ASP C 45 -0.39 19.66 20.43
N GLY C 46 -0.78 18.95 21.48
CA GLY C 46 -1.97 19.31 22.22
C GLY C 46 -1.73 20.52 23.12
N VAL C 47 -0.46 20.93 23.21
CA VAL C 47 -0.08 22.00 24.13
C VAL C 47 0.83 23.02 23.44
N ALA C 48 0.54 24.31 23.62
CA ALA C 48 1.32 25.35 22.95
C ALA C 48 2.77 25.39 23.46
N GLU C 49 3.68 25.85 22.61
CA GLU C 49 5.08 25.94 22.99
C GLU C 49 5.28 26.58 24.36
N ALA C 50 4.51 27.63 24.66
CA ALA C 50 4.71 28.41 25.89
C ALA C 50 4.09 27.74 27.13
N GLN C 51 3.23 26.76 26.91
CA GLN C 51 2.58 26.07 28.02
C GLN C 51 3.22 24.71 28.32
N LYS C 52 4.28 24.37 27.59
CA LYS C 52 4.97 23.09 27.76
C LYS C 52 5.71 22.95 29.12
N PRO C 53 6.38 24.01 29.58
CA PRO C 53 7.01 23.95 30.91
C PRO C 53 5.98 23.76 32.01
N ALA C 54 4.83 24.44 31.88
CA ALA C 54 3.72 24.27 32.81
C ALA C 54 3.17 22.85 32.70
N ALA C 55 3.05 22.37 31.47
CA ALA C 55 2.59 21.00 31.20
C ALA C 55 3.46 19.98 31.91
N ARG C 56 4.78 20.17 31.78
CA ARG C 56 5.75 19.30 32.45
C ARG C 56 5.58 19.34 33.98
N ASN C 57 5.33 20.52 34.52
CA ASN C 57 5.06 20.66 35.95
C ASN C 57 3.84 19.83 36.34
N ALA C 58 2.73 20.09 35.67
CA ALA C 58 1.48 19.38 35.89
C ALA C 58 1.69 17.86 35.87
N LEU C 59 2.67 17.41 35.11
CA LEU C 59 2.92 15.98 34.91
C LEU C 59 3.54 15.33 36.16
N ARG C 60 4.46 16.02 36.80
CA ARG C 60 5.10 15.47 38.00
C ARG C 60 4.16 15.49 39.19
N ASP C 61 3.32 16.52 39.25
CA ASP C 61 2.49 16.81 40.43
C ASP C 61 1.10 16.18 40.40
N THR C 62 0.64 15.81 39.21
CA THR C 62 -0.70 15.25 39.05
C THR C 62 -0.63 13.85 38.44
N PRO C 63 -0.15 12.87 39.22
CA PRO C 63 0.00 11.48 38.77
C PRO C 63 -1.33 10.80 38.44
N LEU C 64 -1.36 10.12 37.30
CA LEU C 64 -2.42 9.17 37.00
C LEU C 64 -1.79 7.78 37.14
N ASP C 65 -2.61 6.77 37.40
CA ASP C 65 -2.12 5.39 37.48
C ASP C 65 -1.17 5.12 36.31
N PRO C 66 0.12 4.98 36.60
CA PRO C 66 1.13 4.76 35.55
C PRO C 66 0.92 3.47 34.78
N GLU C 67 0.07 2.58 35.29
CA GLU C 67 -0.28 1.36 34.58
C GLU C 67 -1.34 1.61 33.50
N ARG C 68 -1.94 2.79 33.50
CA ARG C 68 -2.98 3.12 32.54
C ARG C 68 -2.75 4.50 31.94
N THR C 69 -1.48 4.90 31.87
CA THR C 69 -1.13 6.21 31.34
C THR C 69 0.15 6.18 30.52
N VAL C 70 0.12 6.82 29.36
CA VAL C 70 1.26 6.97 28.48
C VAL C 70 1.50 8.48 28.33
N VAL C 71 2.75 8.88 28.18
CA VAL C 71 3.02 10.30 27.93
C VAL C 71 3.53 10.50 26.50
N ARG C 72 2.85 11.33 25.70
CA ARG C 72 3.44 11.70 24.42
C ARG C 72 4.47 12.82 24.63
N ILE C 73 5.74 12.51 24.38
CA ILE C 73 6.78 13.50 24.48
C ILE C 73 6.92 14.18 23.14
N ASN C 74 7.87 15.12 23.05
CA ASN C 74 8.13 15.79 21.78
C ASN C 74 9.08 15.02 20.86
N ALA C 75 9.16 15.44 19.60
CA ALA C 75 9.87 14.67 18.58
C ALA C 75 11.37 14.55 18.84
N GLY C 76 11.99 13.54 18.23
CA GLY C 76 13.42 13.32 18.36
C GLY C 76 14.22 14.56 18.00
N GLY C 77 15.24 14.86 18.79
CA GLY C 77 16.14 15.97 18.48
C GLY C 77 15.65 17.36 18.84
N THR C 78 14.41 17.48 19.31
CA THR C 78 13.91 18.79 19.72
C THR C 78 14.37 19.08 21.16
N ALA C 79 14.65 20.35 21.42
CA ALA C 79 15.02 20.77 22.78
C ALA C 79 13.87 20.43 23.72
N ASP C 80 12.66 20.63 23.23
CA ASP C 80 11.46 20.24 23.97
C ASP C 80 11.50 18.81 24.53
N GLN C 81 11.92 17.85 23.70
CA GLN C 81 11.96 16.47 24.15
C GLN C 81 12.94 16.29 25.29
N ALA C 82 14.08 16.98 25.21
CA ALA C 82 15.07 16.96 26.28
C ALA C 82 14.45 17.42 27.59
N ARG C 83 13.74 18.54 27.55
CA ARG C 83 12.99 19.01 28.71
C ARG C 83 11.99 17.96 29.18
N ASP C 84 11.31 17.33 28.24
CA ASP C 84 10.30 16.33 28.59
C ASP C 84 10.92 15.19 29.39
N LEU C 85 12.03 14.65 28.89
CA LEU C 85 12.67 13.52 29.53
C LEU C 85 13.19 13.85 30.95
N GLU C 86 13.68 15.07 31.14
CA GLU C 86 14.13 15.49 32.46
C GLU C 86 12.94 15.49 33.39
N ALA C 87 11.84 16.08 32.93
CA ALA C 87 10.65 16.20 33.75
C ALA C 87 10.02 14.83 33.99
N LEU C 88 10.12 13.96 32.98
CA LEU C 88 9.59 12.60 33.08
C LEU C 88 10.25 11.81 34.21
N ALA C 89 11.51 12.12 34.48
CA ALA C 89 12.30 11.40 35.50
C ALA C 89 11.71 11.50 36.89
N GLY C 90 10.92 12.55 37.13
CA GLY C 90 10.24 12.74 38.40
C GLY C 90 8.84 12.17 38.46
N THR C 91 8.55 11.23 37.56
CA THR C 91 7.26 10.56 37.49
C THR C 91 7.44 9.05 37.52
N ALA C 92 6.35 8.32 37.69
CA ALA C 92 6.37 6.85 37.57
C ALA C 92 6.17 6.35 36.13
N TYR C 93 5.98 7.27 35.18
CA TYR C 93 5.65 6.89 33.79
C TYR C 93 6.77 6.17 33.04
N THR C 94 6.49 4.93 32.63
CA THR C 94 7.47 4.06 31.99
C THR C 94 7.26 3.97 30.48
N THR C 95 6.15 4.49 29.99
CA THR C 95 5.83 4.36 28.58
C THR C 95 5.59 5.71 27.92
N VAL C 96 6.28 5.97 26.83
CA VAL C 96 6.15 7.24 26.13
C VAL C 96 5.71 7.02 24.70
N MET C 97 5.13 8.05 24.11
CA MET C 97 4.72 8.02 22.71
C MET C 97 5.58 9.01 21.98
N LEU C 98 6.28 8.55 20.95
CA LEU C 98 7.20 9.38 20.20
C LEU C 98 6.50 9.82 18.92
N PRO C 99 6.23 11.12 18.81
CA PRO C 99 5.57 11.69 17.61
C PRO C 99 6.59 11.90 16.52
N LYS C 100 6.11 12.03 15.29
CA LYS C 100 6.99 12.14 14.14
C LYS C 100 8.12 11.08 14.22
N ALA C 101 7.79 9.87 14.63
CA ALA C 101 8.81 8.82 14.73
C ALA C 101 9.35 8.52 13.34
N GLU C 102 10.67 8.59 13.15
CA GLU C 102 11.23 8.50 11.80
C GLU C 102 12.44 7.57 11.64
N SER C 103 12.93 6.98 12.73
CA SER C 103 14.08 6.08 12.65
C SER C 103 14.16 5.19 13.88
N ALA C 104 14.84 4.05 13.76
CA ALA C 104 15.10 3.20 14.91
C ALA C 104 15.91 3.94 15.97
N ALA C 105 16.83 4.80 15.53
CA ALA C 105 17.71 5.53 16.44
C ALA C 105 16.86 6.36 17.40
N GLN C 106 15.84 7.02 16.85
CA GLN C 106 14.97 7.86 17.67
C GLN C 106 14.30 7.05 18.76
N VAL C 107 14.01 5.78 18.47
CA VAL C 107 13.44 4.88 19.47
C VAL C 107 14.51 4.37 20.44
N ILE C 108 15.62 3.85 19.91
CA ILE C 108 16.73 3.37 20.73
C ILE C 108 17.21 4.40 21.74
N GLU C 109 17.26 5.66 21.35
CA GLU C 109 17.78 6.67 22.27
C GLU C 109 16.87 6.92 23.48
N LEU C 110 15.72 6.24 23.51
CA LEU C 110 14.77 6.40 24.60
C LEU C 110 14.83 5.23 25.59
N ALA C 111 15.60 4.20 25.27
CA ALA C 111 15.83 3.10 26.20
C ALA C 111 16.26 3.73 27.52
N PRO C 112 15.86 3.14 28.67
CA PRO C 112 15.15 1.87 28.83
C PRO C 112 13.63 2.00 28.88
N ARG C 113 13.08 3.14 28.49
CA ARG C 113 11.62 3.31 28.40
C ARG C 113 10.99 2.40 27.35
N ASP C 114 9.72 2.07 27.55
CA ASP C 114 8.92 1.45 26.49
C ASP C 114 8.45 2.57 25.57
N VAL C 115 8.38 2.28 24.28
CA VAL C 115 8.05 3.31 23.32
C VAL C 115 6.92 2.94 22.37
N ILE C 116 5.93 3.81 22.29
CA ILE C 116 4.93 3.71 21.26
C ILE C 116 5.27 4.70 20.15
N ALA C 117 5.66 4.20 18.98
CA ALA C 117 6.06 5.09 17.90
C ALA C 117 4.85 5.56 17.11
N LEU C 118 4.70 6.88 17.01
CA LEU C 118 3.62 7.48 16.25
C LEU C 118 4.18 7.88 14.90
N VAL C 119 3.86 7.09 13.86
CA VAL C 119 4.32 7.38 12.51
C VAL C 119 3.33 8.29 11.81
N GLU C 120 3.77 9.48 11.42
CA GLU C 120 2.87 10.48 10.87
C GLU C 120 3.61 11.39 9.89
N THR C 121 4.68 10.89 9.28
CA THR C 121 5.36 11.56 8.18
C THR C 121 5.73 10.52 7.13
N ALA C 122 6.01 10.99 5.92
CA ALA C 122 6.44 10.11 4.85
C ALA C 122 7.70 9.32 5.27
N ARG C 123 8.67 9.99 5.89
CA ARG C 123 9.90 9.28 6.30
C ARG C 123 9.58 8.17 7.29
N GLY C 124 8.69 8.45 8.23
CA GLY C 124 8.29 7.44 9.20
C GLY C 124 7.60 6.25 8.54
N ALA C 125 6.77 6.52 7.52
CA ALA C 125 6.08 5.43 6.82
C ALA C 125 7.11 4.57 6.08
N VAL C 126 8.07 5.22 5.43
CA VAL C 126 9.11 4.51 4.70
C VAL C 126 9.98 3.64 5.62
N CSO C 127 10.18 4.09 6.87
CA CSO C 127 11.04 3.39 7.83
CB CSO C 127 11.98 4.36 8.53
SG CSO C 127 13.05 5.24 7.35
C CSO C 127 10.25 2.59 8.86
O CSO C 127 10.78 2.28 9.93
OD CSO C 127 14.26 4.10 6.69
N ALA C 128 9.00 2.28 8.55
CA ALA C 128 8.11 1.66 9.53
C ALA C 128 8.66 0.36 10.11
N ALA C 129 9.21 -0.51 9.27
CA ALA C 129 9.69 -1.81 9.76
C ALA C 129 10.85 -1.65 10.73
N GLU C 130 11.76 -0.73 10.41
N GLU C 130 11.76 -0.72 10.43
CA GLU C 130 12.92 -0.47 11.25
CA GLU C 130 12.92 -0.50 11.27
C GLU C 130 12.45 0.04 12.60
C GLU C 130 12.48 0.07 12.61
N ILE C 131 11.51 0.97 12.56
CA ILE C 131 10.98 1.59 13.76
C ILE C 131 10.32 0.54 14.64
N ALA C 132 9.48 -0.30 14.04
CA ALA C 132 8.78 -1.33 14.80
C ALA C 132 9.77 -2.31 15.42
N ALA C 133 10.82 -2.63 14.66
CA ALA C 133 11.75 -3.67 15.08
C ALA C 133 12.66 -3.22 16.24
N ALA C 134 12.84 -1.91 16.39
CA ALA C 134 13.71 -1.36 17.42
C ALA C 134 13.32 -1.88 18.81
N ASP C 135 14.32 -2.23 19.63
CA ASP C 135 14.04 -2.97 20.86
C ASP C 135 13.04 -2.35 21.86
N PRO C 136 13.08 -1.01 22.06
CA PRO C 136 12.15 -0.42 23.03
C PRO C 136 10.68 -0.38 22.54
N THR C 137 10.46 -0.50 21.24
CA THR C 137 9.10 -0.36 20.70
C THR C 137 8.14 -1.36 21.32
N VAL C 138 7.03 -0.87 21.86
CA VAL C 138 5.96 -1.76 22.31
C VAL C 138 4.67 -1.54 21.53
N GLY C 139 4.66 -0.54 20.65
CA GLY C 139 3.46 -0.27 19.87
C GLY C 139 3.72 0.71 18.75
N MET C 140 2.83 0.71 17.76
CA MET C 140 2.90 1.63 16.64
C MET C 140 1.53 2.28 16.43
N MET C 141 1.54 3.59 16.22
CA MET C 141 0.31 4.31 15.89
C MET C 141 0.58 5.03 14.57
N TRP C 142 -0.48 5.42 13.87
CA TRP C 142 -0.32 6.33 12.73
C TRP C 142 -1.14 7.62 12.94
N GLY C 143 -0.72 8.70 12.30
CA GLY C 143 -1.37 10.01 12.42
C GLY C 143 -1.59 10.61 11.04
N ALA C 144 -2.84 10.77 10.64
CA ALA C 144 -3.12 11.18 9.26
C ALA C 144 -2.87 12.67 9.03
N GLU C 145 -2.97 13.46 10.08
CA GLU C 145 -2.97 14.92 9.94
C GLU C 145 -1.56 15.50 9.78
N ASP C 146 -0.64 15.13 10.67
CA ASP C 146 0.75 15.47 10.39
C ASP C 146 1.26 14.84 9.09
N LEU C 147 0.75 13.65 8.76
CA LEU C 147 1.13 12.98 7.53
C LEU C 147 0.83 13.87 6.35
N ILE C 148 -0.42 14.34 6.27
CA ILE C 148 -0.86 15.19 5.17
C ILE C 148 -0.15 16.55 5.22
N ALA C 149 0.01 17.05 6.44
CA ALA C 149 0.62 18.34 6.65
C ALA C 149 2.07 18.29 6.18
N THR C 150 2.79 17.26 6.56
CA THR C 150 4.18 17.14 6.16
C THR C 150 4.37 16.73 4.70
N LEU C 151 3.34 16.11 4.08
CA LEU C 151 3.38 15.84 2.64
C LEU C 151 3.20 17.12 1.82
N GLY C 152 2.75 18.19 2.47
CA GLY C 152 2.42 19.42 1.78
C GLY C 152 0.98 19.42 1.30
N GLY C 153 0.18 18.50 1.83
CA GLY C 153 -1.21 18.41 1.46
C GLY C 153 -2.10 19.34 2.29
N SER C 154 -3.41 19.22 2.11
CA SER C 154 -4.32 20.11 2.82
C SER C 154 -5.53 19.36 3.37
N SER C 155 -5.64 18.07 3.08
CA SER C 155 -6.85 17.33 3.41
C SER C 155 -6.55 15.84 3.54
N SER C 156 -6.86 15.24 4.69
CA SER C 156 -6.65 13.80 4.86
C SER C 156 -7.82 12.99 4.33
N ARG C 157 -8.99 13.63 4.26
CA ARG C 157 -10.17 12.90 3.84
C ARG C 157 -10.79 13.59 2.64
N ARG C 158 -11.51 12.85 1.83
CA ARG C 158 -12.12 13.43 0.65
C ARG C 158 -13.53 13.94 0.98
N ALA C 159 -14.28 14.29 -0.06
CA ALA C 159 -15.61 14.83 0.10
C ALA C 159 -16.45 14.03 1.10
N ASP C 160 -16.66 12.75 0.80
CA ASP C 160 -17.56 11.92 1.61
C ASP C 160 -17.03 11.58 3.01
N GLY C 161 -15.78 11.89 3.30
CA GLY C 161 -15.20 11.62 4.60
C GLY C 161 -14.23 10.45 4.67
N ALA C 162 -14.14 9.68 3.58
CA ALA C 162 -13.20 8.57 3.52
C ALA C 162 -11.77 9.10 3.48
N TYR C 163 -10.86 8.40 4.15
CA TYR C 163 -9.44 8.74 4.07
C TYR C 163 -9.00 8.66 2.62
N ARG C 164 -8.13 9.58 2.21
CA ARG C 164 -7.52 9.51 0.89
C ARG C 164 -6.54 8.33 0.89
N ASP C 165 -6.14 7.89 -0.30
CA ASP C 165 -5.36 6.65 -0.44
C ASP C 165 -4.07 6.63 0.38
N VAL C 166 -3.34 7.74 0.39
CA VAL C 166 -2.03 7.72 1.04
C VAL C 166 -2.22 7.46 2.53
N ALA C 167 -3.29 7.99 3.10
CA ALA C 167 -3.57 7.75 4.52
C ALA C 167 -3.93 6.27 4.74
N ARG C 168 -4.70 5.71 3.81
CA ARG C 168 -5.14 4.32 3.90
C ARG C 168 -3.91 3.43 3.77
N HIS C 169 -2.99 3.86 2.92
CA HIS C 169 -1.78 3.11 2.65
C HIS C 169 -0.88 3.08 3.90
N VAL C 170 -0.69 4.24 4.54
CA VAL C 170 0.11 4.30 5.77
C VAL C 170 -0.51 3.51 6.92
N ARG C 171 -1.83 3.57 7.02
CA ARG C 171 -2.52 2.81 8.04
C ARG C 171 -2.14 1.32 7.98
N SER C 172 -2.24 0.75 6.79
CA SER C 172 -1.90 -0.67 6.56
C SER C 172 -0.41 -0.92 6.82
N THR C 173 0.43 0.02 6.39
CA THR C 173 1.89 -0.10 6.56
C THR C 173 2.22 -0.24 8.03
N ILE C 174 1.60 0.60 8.86
CA ILE C 174 1.79 0.57 10.31
C ILE C 174 1.22 -0.67 10.98
N LEU C 175 0.02 -1.06 10.59
CA LEU C 175 -0.55 -2.30 11.12
C LEU C 175 0.37 -3.49 10.85
N LEU C 176 0.83 -3.60 9.62
CA LEU C 176 1.71 -4.71 9.24
C LEU C 176 3.04 -4.67 9.99
N ALA C 177 3.67 -3.49 10.04
CA ALA C 177 4.97 -3.37 10.68
C ALA C 177 4.85 -3.69 12.16
N ALA C 178 3.76 -3.21 12.79
CA ALA C 178 3.54 -3.46 14.21
C ALA C 178 3.38 -4.96 14.46
N SER C 179 2.49 -5.56 13.69
N SER C 179 2.49 -5.58 13.71
CA SER C 179 2.17 -6.97 13.81
CA SER C 179 2.22 -7.00 13.90
C SER C 179 3.39 -7.86 13.56
C SER C 179 3.44 -7.86 13.60
N ALA C 180 4.21 -7.47 12.59
CA ALA C 180 5.38 -8.28 12.20
C ALA C 180 6.42 -8.39 13.33
N PHE C 181 6.42 -7.41 14.23
CA PHE C 181 7.36 -7.43 15.35
C PHE C 181 6.69 -7.53 16.73
N GLY C 182 5.44 -8.01 16.74
CA GLY C 182 4.73 -8.30 17.98
C GLY C 182 4.32 -7.08 18.78
N ARG C 183 4.11 -5.97 18.08
CA ARG C 183 3.83 -4.71 18.76
C ARG C 183 2.34 -4.38 18.79
N LEU C 184 1.92 -3.67 19.81
CA LEU C 184 0.54 -3.14 19.82
C LEU C 184 0.32 -2.33 18.54
N ALA C 185 -0.90 -2.37 18.00
CA ALA C 185 -1.25 -1.52 16.85
C ALA C 185 -2.38 -0.54 17.21
N LEU C 186 -2.12 0.76 17.04
CA LEU C 186 -3.08 1.78 17.45
C LEU C 186 -3.60 2.55 16.23
N ASP C 187 -4.92 2.62 16.09
CA ASP C 187 -5.52 3.31 14.95
C ASP C 187 -5.73 4.80 15.23
N ALA C 188 -5.84 5.57 14.15
CA ALA C 188 -5.78 7.02 14.22
C ALA C 188 -7.05 7.64 14.81
N VAL C 189 -6.93 8.89 15.28
CA VAL C 189 -8.02 9.65 15.89
C VAL C 189 -9.07 10.04 14.86
N HIS C 190 -10.28 10.29 15.33
CA HIS C 190 -11.37 10.70 14.44
C HIS C 190 -11.69 12.15 14.81
N LEU C 191 -11.20 13.11 14.03
CA LEU C 191 -11.30 14.52 14.39
C LEU C 191 -12.71 15.09 14.38
N ASP C 192 -13.58 14.55 13.52
CA ASP C 192 -14.99 14.96 13.47
C ASP C 192 -15.75 14.32 14.63
N ILE C 193 -15.74 14.99 15.78
CA ILE C 193 -16.20 14.40 17.03
C ILE C 193 -17.65 13.94 17.00
N LEU C 194 -18.51 14.71 16.34
CA LEU C 194 -19.92 14.38 16.22
C LEU C 194 -20.20 13.34 15.14
N ASP C 195 -19.17 12.95 14.39
CA ASP C 195 -19.34 11.92 13.38
C ASP C 195 -19.20 10.54 14.01
N VAL C 196 -20.18 10.18 14.84
CA VAL C 196 -20.16 8.92 15.55
C VAL C 196 -20.30 7.74 14.61
N GLU C 197 -20.97 7.96 13.48
CA GLU C 197 -21.17 6.93 12.49
C GLU C 197 -19.84 6.59 11.84
N GLY C 198 -19.10 7.62 11.46
CA GLY C 198 -17.79 7.42 10.87
C GLY C 198 -16.83 6.76 11.85
N LEU C 199 -16.86 7.21 13.09
CA LEU C 199 -16.03 6.62 14.12
C LEU C 199 -16.34 5.14 14.29
N GLN C 200 -17.62 4.81 14.43
CA GLN C 200 -18.04 3.43 14.60
C GLN C 200 -17.54 2.59 13.44
N GLU C 201 -17.65 3.13 12.22
CA GLU C 201 -17.19 2.42 11.03
C GLU C 201 -15.70 2.14 11.11
N GLU C 202 -14.90 3.17 11.40
CA GLU C 202 -13.45 2.99 11.51
C GLU C 202 -13.09 2.00 12.62
N ALA C 203 -13.71 2.14 13.78
CA ALA C 203 -13.31 1.34 14.94
C ALA C 203 -13.68 -0.14 14.75
N ARG C 204 -14.85 -0.40 14.15
CA ARG C 204 -15.27 -1.78 13.84
C ARG C 204 -14.27 -2.42 12.86
N ASP C 205 -13.97 -1.70 11.77
CA ASP C 205 -12.93 -2.14 10.86
C ASP C 205 -11.57 -2.36 11.54
N ALA C 206 -11.16 -1.41 12.38
CA ALA C 206 -9.88 -1.53 13.10
C ALA C 206 -9.81 -2.85 13.86
N ALA C 207 -10.86 -3.13 14.63
CA ALA C 207 -10.94 -4.34 15.43
C ALA C 207 -10.89 -5.57 14.52
N ALA C 208 -11.58 -5.48 13.37
CA ALA C 208 -11.67 -6.60 12.44
C ALA C 208 -10.31 -6.96 11.84
N VAL C 209 -9.42 -5.99 11.66
CA VAL C 209 -8.12 -6.27 11.05
C VAL C 209 -7.00 -6.40 12.08
N GLY C 210 -7.36 -6.35 13.35
CA GLY C 210 -6.41 -6.62 14.42
C GLY C 210 -5.70 -5.46 15.08
N PHE C 211 -6.16 -4.22 14.87
CA PHE C 211 -5.73 -3.11 15.71
C PHE C 211 -6.12 -3.44 17.14
N ASP C 212 -5.32 -3.02 18.11
CA ASP C 212 -5.64 -3.27 19.51
C ASP C 212 -6.32 -2.06 20.14
N VAL C 213 -6.15 -0.91 19.52
CA VAL C 213 -6.57 0.35 20.14
C VAL C 213 -7.06 1.29 19.07
N THR C 214 -8.08 2.08 19.41
CA THR C 214 -8.38 3.28 18.62
C THR C 214 -8.19 4.45 19.56
N VAL C 215 -7.34 5.39 19.16
CA VAL C 215 -7.09 6.59 19.97
C VAL C 215 -8.17 7.66 19.74
N CYS C 216 -8.64 8.29 20.83
CA CYS C 216 -9.68 9.32 20.76
C CYS C 216 -9.19 10.71 21.18
N ILE C 217 -9.84 11.76 20.67
CA ILE C 217 -9.54 13.11 21.11
C ILE C 217 -10.68 13.77 21.92
N HIS C 218 -11.75 13.03 22.17
CA HIS C 218 -12.85 13.54 23.00
C HIS C 218 -13.45 12.39 23.82
N PRO C 219 -13.77 12.63 25.10
CA PRO C 219 -14.25 11.51 25.91
C PRO C 219 -15.57 10.90 25.44
N SER C 220 -16.36 11.66 24.68
CA SER C 220 -17.63 11.13 24.17
C SER C 220 -17.39 9.98 23.19
N GLN C 221 -16.15 9.82 22.75
CA GLN C 221 -15.82 8.84 21.71
C GLN C 221 -15.47 7.47 22.28
N ILE C 222 -15.09 7.43 23.56
CA ILE C 222 -14.65 6.19 24.20
C ILE C 222 -15.73 5.10 24.22
N PRO C 223 -16.98 5.44 24.62
CA PRO C 223 -18.01 4.40 24.59
C PRO C 223 -18.24 3.84 23.19
N VAL C 224 -18.24 4.71 22.19
CA VAL C 224 -18.37 4.27 20.80
C VAL C 224 -17.25 3.29 20.44
N VAL C 225 -16.03 3.63 20.84
CA VAL C 225 -14.88 2.78 20.56
C VAL C 225 -14.97 1.44 21.30
N ARG C 226 -15.28 1.46 22.59
CA ARG C 226 -15.40 0.22 23.34
C ARG C 226 -16.46 -0.69 22.72
N LYS C 227 -17.63 -0.15 22.43
CA LYS C 227 -18.69 -0.91 21.75
C LYS C 227 -18.21 -1.51 20.42
N ALA C 228 -17.46 -0.73 19.63
CA ALA C 228 -17.02 -1.18 18.31
C ALA C 228 -16.01 -2.33 18.35
N TYR C 229 -15.24 -2.42 19.43
CA TYR C 229 -14.29 -3.52 19.54
C TYR C 229 -14.92 -4.77 20.14
N ARG C 230 -16.21 -4.71 20.41
CA ARG C 230 -16.95 -5.91 20.78
C ARG C 230 -17.63 -6.41 19.52
N PRO C 231 -17.39 -7.68 19.15
CA PRO C 231 -18.02 -8.25 17.95
C PRO C 231 -19.54 -8.11 17.98
N SER C 232 -20.12 -7.80 16.83
CA SER C 232 -21.56 -7.60 16.71
C SER C 232 -22.31 -8.89 17.03
N HIS C 233 -23.59 -8.76 17.37
CA HIS C 233 -24.42 -9.91 17.69
C HIS C 233 -24.40 -10.94 16.55
N GLU C 234 -24.55 -10.44 15.31
CA GLU C 234 -24.49 -11.25 14.10
C GLU C 234 -23.18 -12.03 13.97
N LYS C 235 -22.07 -11.32 14.16
CA LYS C 235 -20.77 -11.95 13.98
C LYS C 235 -20.56 -13.00 15.06
N LEU C 236 -20.96 -12.67 16.29
CA LEU C 236 -20.79 -13.59 17.40
C LEU C 236 -21.67 -14.84 17.20
N ALA C 237 -22.88 -14.65 16.70
CA ALA C 237 -23.78 -15.79 16.44
C ALA C 237 -23.17 -16.74 15.40
N TRP C 238 -22.66 -16.20 14.31
CA TRP C 238 -21.87 -16.99 13.35
C TRP C 238 -20.70 -17.74 14.01
N ALA C 239 -19.87 -17.04 14.77
CA ALA C 239 -18.72 -17.68 15.39
C ALA C 239 -19.15 -18.95 16.12
N ARG C 240 -20.22 -18.86 16.89
CA ARG C 240 -20.67 -20.02 17.64
C ARG C 240 -21.15 -21.10 16.69
N ARG C 241 -21.83 -20.67 15.62
CA ARG C 241 -22.37 -21.60 14.63
C ARG C 241 -21.27 -22.39 13.95
N VAL C 242 -20.25 -21.69 13.48
CA VAL C 242 -19.21 -22.33 12.68
C VAL C 242 -18.30 -23.20 13.54
N LEU C 243 -18.07 -22.80 14.78
CA LEU C 243 -17.25 -23.58 15.69
C LEU C 243 -17.97 -24.87 16.07
N ALA C 244 -19.23 -24.75 16.44
CA ALA C 244 -20.00 -25.94 16.75
C ALA C 244 -19.91 -26.89 15.56
N ALA C 245 -20.13 -26.34 14.36
CA ALA C 245 -20.13 -27.14 13.16
C ALA C 245 -18.80 -27.88 12.95
N SER C 246 -17.68 -27.18 13.18
CA SER C 246 -16.37 -27.76 12.90
C SER C 246 -16.02 -28.94 13.80
N ARG C 247 -16.67 -29.03 14.95
CA ARG C 247 -16.41 -30.12 15.90
C ARG C 247 -16.61 -31.49 15.25
N SER C 248 -17.39 -31.52 14.17
CA SER C 248 -17.77 -32.77 13.53
C SER C 248 -17.02 -32.96 12.22
N GLU C 249 -16.11 -32.04 11.91
CA GLU C 249 -15.44 -32.02 10.62
C GLU C 249 -13.94 -32.18 10.79
N ARG C 250 -13.28 -32.74 9.78
CA ARG C 250 -11.81 -32.82 9.78
C ARG C 250 -11.24 -32.04 8.61
N GLY C 251 -10.40 -31.05 8.92
CA GLY C 251 -9.84 -30.17 7.91
C GLY C 251 -10.93 -29.37 7.23
N ALA C 252 -10.69 -28.99 5.98
CA ALA C 252 -11.63 -28.14 5.24
C ALA C 252 -13.03 -28.72 5.16
N PHE C 253 -14.02 -27.84 5.26
CA PHE C 253 -15.41 -28.24 5.03
C PHE C 253 -16.20 -27.01 4.61
N ALA C 254 -17.36 -27.25 4.01
CA ALA C 254 -18.22 -26.16 3.56
C ALA C 254 -19.24 -25.81 4.62
N PHE C 255 -19.28 -24.54 5.01
CA PHE C 255 -20.26 -24.08 5.98
C PHE C 255 -20.97 -22.82 5.48
N GLU C 256 -22.29 -22.91 5.35
CA GLU C 256 -23.08 -21.78 4.87
C GLU C 256 -22.54 -21.24 3.54
N GLY C 257 -22.28 -22.17 2.63
CA GLY C 257 -21.77 -21.83 1.31
C GLY C 257 -20.28 -21.46 1.23
N GLN C 258 -19.58 -21.40 2.36
CA GLN C 258 -18.16 -20.99 2.40
C GLN C 258 -17.23 -22.13 2.76
N MET C 259 -16.04 -22.13 2.15
CA MET C 259 -15.01 -23.07 2.55
C MET C 259 -14.46 -22.65 3.90
N VAL C 260 -14.47 -23.56 4.86
CA VAL C 260 -13.96 -23.24 6.19
C VAL C 260 -12.83 -24.19 6.58
N ASP C 261 -11.73 -23.61 7.05
CA ASP C 261 -10.64 -24.34 7.70
C ASP C 261 -9.94 -23.45 8.75
N SER C 262 -8.79 -23.94 9.22
CA SER C 262 -8.09 -23.40 10.38
C SER C 262 -8.23 -21.90 10.68
N PRO C 263 -7.77 -21.02 9.78
CA PRO C 263 -7.75 -19.59 10.15
C PRO C 263 -9.17 -19.00 10.28
N VAL C 264 -10.11 -19.56 9.55
CA VAL C 264 -11.49 -19.09 9.64
C VAL C 264 -12.02 -19.41 11.02
N LEU C 265 -11.66 -20.58 11.53
CA LEU C 265 -12.04 -20.95 12.89
C LEU C 265 -11.34 -20.06 13.91
N THR C 266 -10.11 -19.66 13.59
CA THR C 266 -9.37 -18.77 14.46
C THR C 266 -10.07 -17.41 14.55
N HIS C 267 -10.57 -16.90 13.43
CA HIS C 267 -11.36 -15.67 13.44
C HIS C 267 -12.53 -15.78 14.42
N ALA C 268 -13.23 -16.90 14.38
CA ALA C 268 -14.41 -17.06 15.21
C ALA C 268 -14.01 -17.10 16.68
N GLU C 269 -12.93 -17.82 16.98
CA GLU C 269 -12.42 -17.87 18.35
C GLU C 269 -11.99 -16.50 18.85
N THR C 270 -11.31 -15.73 18.01
CA THR C 270 -10.92 -14.37 18.36
C THR C 270 -12.16 -13.50 18.70
N MET C 271 -13.23 -13.66 17.94
CA MET C 271 -14.47 -12.94 18.21
C MET C 271 -14.99 -13.29 19.60
N LEU C 272 -15.01 -14.59 19.89
CA LEU C 272 -15.50 -15.06 21.19
C LEU C 272 -14.64 -14.47 22.31
N ARG C 273 -13.33 -14.57 22.15
CA ARG C 273 -12.42 -14.01 23.14
C ARG C 273 -12.71 -12.51 23.37
N ARG C 274 -12.83 -11.75 22.29
CA ARG C 274 -13.05 -10.31 22.38
C ARG C 274 -14.29 -9.95 23.20
N ALA C 275 -15.21 -10.90 23.33
CA ALA C 275 -16.37 -10.72 24.19
C ALA C 275 -16.14 -11.41 25.54
MG MG D . -3.34 -20.06 5.34
C2 CQM E . -6.60 -20.37 2.91
C4 CQM E . -5.47 -18.42 3.65
C6 CQM E . -5.05 -19.40 1.30
P2A CQM E . -17.84 -31.12 -0.61
O5A CQM E . -17.70 -32.60 -0.81
O4A CQM E . -18.81 -30.76 0.51
O3A CQM E . -18.23 -30.34 -1.90
O6A CQM E . -16.40 -30.54 -0.20
P1A CQM E . -19.16 -30.84 -3.08
O1A CQM E . -19.72 -29.59 -3.74
O2A CQM E . -20.28 -31.75 -2.59
O5B CQM E . -18.27 -31.60 -4.14
C5B CQM E . -18.83 -32.07 -5.32
C4B CQM E . -17.93 -32.98 -6.17
O4B CQM E . -16.78 -32.29 -6.44
C3B CQM E . -17.51 -34.18 -5.44
O3B CQM E . -17.26 -35.23 -6.35
C2B CQM E . -16.32 -33.82 -4.81
O2B CQM E . -15.55 -34.94 -4.49
C1B CQM E . -15.75 -32.77 -5.65
P3B CQM E . -18.46 -36.12 -6.91
O7A CQM E . -17.87 -37.44 -7.41
O8A CQM E . -19.16 -35.40 -8.07
O9A CQM E . -19.49 -36.38 -5.82
N9A CQM E . -14.82 -31.80 -5.05
C4A CQM E . -13.48 -31.82 -5.20
N3A CQM E . -12.65 -32.63 -5.87
C2A CQM E . -11.34 -32.39 -5.85
N1A CQM E . -10.82 -31.35 -5.17
C6A CQM E . -11.61 -30.51 -4.48
C5A CQM E . -12.98 -30.72 -4.49
N7A CQM E . -14.03 -30.09 -3.92
C8A CQM E . -15.15 -30.75 -4.28
N6A CQM E . -11.04 -29.38 -3.77
CBP CQM E . -14.81 -28.85 0.43
CCP CQM E . -16.23 -29.20 0.12
CDP CQM E . -14.36 -29.73 1.55
CEP CQM E . -14.70 -27.37 0.85
CAP CQM E . -14.00 -29.15 -0.80
OAP CQM E . -14.39 -28.33 -1.88
C9P CQM E . -12.52 -28.89 -0.59
O9P CQM E . -11.87 -29.62 0.12
N8P CQM E . -11.91 -27.74 -1.20
C7P CQM E . -10.52 -27.43 -1.00
C6P CQM E . -10.10 -27.36 0.48
C5P CQM E . -8.68 -26.91 0.70
O5P CQM E . -7.76 -27.51 0.16
N4P CQM E . -8.43 -25.79 1.57
C3P CQM E . -7.06 -25.34 1.79
C2P CQM E . -6.73 -24.11 0.97
S1P CQM E . -7.64 -22.63 1.44
C1 CQM E . -6.63 -21.89 2.77
O2 CQM E . -5.96 -22.59 3.57
C3 CQM E . -5.27 -19.66 2.80
O7 CQM E . -4.19 -20.37 3.31
O3 CQM E . -4.90 -18.29 4.81
O4 CQM E . -6.21 -17.51 3.21
P PO4 F . -12.49 1.91 -2.56
O1 PO4 F . -11.87 3.28 -2.45
O2 PO4 F . -12.38 1.11 -1.29
O3 PO4 F . -13.97 2.18 -2.82
O4 PO4 F . -11.90 1.15 -3.71
P PO4 G . -5.67 0.90 -1.26
O1 PO4 G . -4.76 2.08 -1.11
O2 PO4 G . -5.48 -0.07 -0.11
O3 PO4 G . -7.12 1.37 -1.27
O4 PO4 G . -5.36 0.21 -2.57
C1 GOL H . 4.44 -27.14 16.74
O1 GOL H . 5.71 -27.21 17.36
C2 GOL H . 4.58 -27.61 15.31
O2 GOL H . 5.87 -28.17 15.19
C3 GOL H . 3.54 -28.68 15.02
O3 GOL H . 3.83 -29.31 13.78
CL CL I . -12.22 -8.91 -20.04
CL CL J . -7.01 -29.57 13.49
MG MG K . 6.10 4.68 -19.41
C2 CQM L . 2.86 7.19 -19.88
C4 CQM L . 3.33 5.32 -18.40
C6 CQM L . 3.80 7.74 -17.69
P2A CQM L . -3.34 15.68 -31.67
O5A CQM L . -2.75 16.77 -32.53
O4A CQM L . -3.79 14.51 -32.53
O3A CQM L . -4.54 16.19 -30.79
O6A CQM L . -2.22 15.12 -30.68
P1A CQM L . -5.29 17.54 -31.09
O1A CQM L . -6.38 17.72 -30.05
O2A CQM L . -5.87 17.49 -32.50
O5B CQM L . -4.29 18.76 -30.97
C5B CQM L . -4.77 20.04 -31.21
C4B CQM L . -3.84 21.19 -30.88
O4B CQM L . -3.15 20.85 -29.72
C3B CQM L . -2.78 21.33 -31.87
O3B CQM L . -2.31 22.66 -31.86
C2B CQM L . -1.79 20.50 -31.37
O2B CQM L . -0.62 20.58 -32.12
C1B CQM L . -1.79 20.80 -29.93
P3B CQM L . -2.89 23.70 -32.92
O7A CQM L . -2.13 25.01 -32.81
O8A CQM L . -4.37 23.95 -32.63
O9A CQM L . -2.73 23.11 -34.30
N9A CQM L . -1.18 19.80 -29.04
C4A CQM L . -0.03 19.91 -28.37
N3A CQM L . 0.89 20.88 -28.25
C2A CQM L . 1.97 20.70 -27.47
N1A CQM L . 2.15 19.57 -26.80
C6A CQM L . 1.26 18.56 -26.87
C5A CQM L . 0.14 18.72 -27.67
N7A CQM L . -0.91 17.93 -27.95
C8A CQM L . -1.71 18.59 -28.79
N6A CQM L . 1.43 17.32 -26.15
CBP CQM L . -1.40 13.43 -29.12
CCP CQM L . -2.49 13.92 -30.02
CDP CQM L . -0.40 12.72 -29.99
CEP CQM L . -2.00 12.47 -28.07
CAP CQM L . -0.78 14.65 -28.45
OAP CQM L . -1.65 15.25 -27.53
C9P CQM L . 0.50 14.31 -27.66
O9P CQM L . 1.53 14.04 -28.23
N8P CQM L . 0.47 14.32 -26.22
C7P CQM L . 1.66 14.00 -25.50
C6P CQM L . 2.20 12.59 -25.82
C5P CQM L . 3.34 12.17 -24.93
O5P CQM L . 4.20 12.97 -24.69
N4P CQM L . 3.35 10.83 -24.40
C3P CQM L . 4.42 10.42 -23.50
C2P CQM L . 4.00 10.63 -22.06
S1P CQM L . 2.68 9.56 -21.47
C1 CQM L . 3.48 7.97 -21.05
O2 CQM L . 4.48 7.52 -21.68
C3 CQM L . 3.81 6.71 -18.82
O7 CQM L . 5.09 6.63 -19.37
O3 CQM L . 3.93 4.23 -18.76
O4 CQM L . 2.30 5.21 -17.68
P PO4 M . -13.47 -4.89 -15.87
O1 PO4 M . -12.98 -4.00 -17.00
O2 PO4 M . -12.52 -6.06 -15.70
O3 PO4 M . -13.55 -4.10 -14.59
O4 PO4 M . -14.84 -5.42 -16.23
CL CL N . 9.04 1.82 -32.05
MG MG O . 0.73 14.75 14.88
C PYR P . -1.89 13.56 13.86
O PYR P . -2.75 13.08 13.01
OXT PYR P . -1.00 14.43 13.40
CA PYR P . -1.90 13.19 15.21
O3 PYR P . -0.96 13.58 16.04
CB PYR P . -3.03 12.38 15.79
C1 GOL Q . -11.22 17.03 -3.11
O1 GOL Q . -10.63 15.80 -3.50
C2 GOL Q . -12.30 16.79 -2.05
O2 GOL Q . -12.78 18.04 -1.58
C3 GOL Q . -13.45 15.99 -2.65
O3 GOL Q . -13.03 14.67 -2.94
CL CL R . 17.41 -2.56 18.13
CL CL S . 3.47 10.72 38.57
#